data_4RNS
#
_entry.id   4RNS
#
_cell.length_a   169.450
_cell.length_b   169.450
_cell.length_c   109.840
_cell.angle_alpha   90.00
_cell.angle_beta   90.00
_cell.angle_gamma   120.00
#
_symmetry.space_group_name_H-M   'H 3'
#
loop_
_entity.id
_entity.type
_entity.pdbx_description
1 polymer 'PCP degradation transcriptional activation protein'
2 water water
#
_entity_poly.entity_id   1
_entity_poly.type   'polypeptide(L)'
_entity_poly.pdbx_seq_one_letter_code
;RSELRFDPGTSNRNFRIAASDFGQALMLPRLYATLEETAPQVRVTGVNLRHGPLVEELESGSIDIAFGGFPTLSAGIKTQ
TLFREEYVCVMRQSHPALTHGLDLEAFRQCRHIIVTAHEFNHVHEQVEARLLELLPPESIRFTTENFLVSAVIAEETDVI
LTIPSRLARWFANRGGLTIFPVPIELPSIEVKQYWHERYDKDPGNIWLRRVIAKIGFQNPPAE
;
_entity_poly.pdbx_strand_id   A,B,C,D
#
# COMPACT_ATOMS: atom_id res chain seq x y z
N ARG A 5 30.62 -17.49 -37.59
CA ARG A 5 30.63 -16.53 -36.49
C ARG A 5 30.69 -17.17 -35.11
N PHE A 6 29.80 -18.13 -34.83
CA PHE A 6 29.78 -18.71 -33.49
C PHE A 6 29.59 -20.21 -33.46
N ASP A 7 30.57 -20.91 -32.91
CA ASP A 7 30.47 -22.36 -32.74
C ASP A 7 30.63 -22.74 -31.28
N PRO A 8 29.53 -23.24 -30.69
CA PRO A 8 29.41 -23.62 -29.29
C PRO A 8 30.60 -24.42 -28.79
N GLY A 9 30.88 -25.52 -29.47
CA GLY A 9 31.92 -26.43 -29.04
C GLY A 9 33.28 -25.82 -28.94
N THR A 10 33.52 -24.69 -29.59
CA THR A 10 34.87 -24.12 -29.55
C THR A 10 34.94 -22.69 -29.07
N SER A 11 33.78 -22.06 -28.87
CA SER A 11 33.77 -20.65 -28.51
C SER A 11 34.27 -20.37 -27.09
N ASN A 12 34.84 -19.19 -26.92
CA ASN A 12 35.38 -18.74 -25.63
C ASN A 12 34.62 -17.50 -25.23
N ARG A 13 33.55 -17.24 -25.96
CA ARG A 13 32.72 -16.08 -25.76
C ARG A 13 32.23 -15.99 -24.32
N ASN A 14 32.18 -14.76 -23.81
CA ASN A 14 31.61 -14.52 -22.49
C ASN A 14 30.28 -13.79 -22.64
N PHE A 15 29.19 -14.48 -22.34
CA PHE A 15 27.88 -13.87 -22.50
C PHE A 15 27.48 -13.12 -21.24
N ARG A 16 26.92 -11.94 -21.42
CA ARG A 16 26.50 -11.14 -20.29
C ARG A 16 24.98 -11.04 -20.25
N ILE A 17 24.42 -11.42 -19.09
CA ILE A 17 22.97 -11.43 -18.87
C ILE A 17 22.56 -10.49 -17.73
N ALA A 18 21.78 -9.46 -18.06
CA ALA A 18 21.29 -8.55 -17.03
C ALA A 18 20.04 -9.11 -16.39
N ALA A 19 20.01 -9.11 -15.06
CA ALA A 19 18.93 -9.68 -14.28
C ALA A 19 19.05 -9.21 -12.84
N SER A 20 17.95 -9.22 -12.10
CA SER A 20 18.03 -9.06 -10.66
C SER A 20 18.89 -10.15 -10.09
N ASP A 21 19.34 -10.00 -8.85
CA ASP A 21 20.12 -11.05 -8.27
C ASP A 21 19.32 -12.37 -8.26
N PHE A 22 18.02 -12.30 -7.99
CA PHE A 22 17.17 -13.48 -8.04
C PHE A 22 17.20 -14.14 -9.43
N GLY A 23 16.87 -13.37 -10.46
CA GLY A 23 16.91 -13.87 -11.83
C GLY A 23 18.21 -14.57 -12.18
N GLN A 24 19.33 -13.98 -11.77
CA GLN A 24 20.65 -14.56 -11.99
C GLN A 24 20.77 -15.93 -11.38
N ALA A 25 20.48 -16.02 -10.10
CA ALA A 25 20.66 -17.25 -9.37
C ALA A 25 19.70 -18.32 -9.89
N LEU A 26 18.59 -17.90 -10.47
CA LEU A 26 17.67 -18.82 -11.11
C LEU A 26 18.20 -19.33 -12.46
N MET A 27 18.71 -18.41 -13.27
CA MET A 27 19.10 -18.69 -14.64
C MET A 27 20.37 -19.50 -14.79
N LEU A 28 21.46 -19.01 -14.22
CA LEU A 28 22.78 -19.58 -14.48
C LEU A 28 22.90 -21.08 -14.17
N PRO A 29 22.42 -21.56 -13.02
CA PRO A 29 22.49 -23.01 -12.81
C PRO A 29 21.77 -23.82 -13.86
N ARG A 30 20.74 -23.26 -14.47
CA ARG A 30 20.01 -23.97 -15.50
C ARG A 30 20.78 -23.94 -16.82
N LEU A 31 21.92 -23.26 -16.84
CA LEU A 31 22.70 -23.22 -18.05
C LEU A 31 23.90 -24.15 -17.96
N TYR A 32 24.21 -24.60 -16.76
CA TYR A 32 25.43 -25.35 -16.53
C TYR A 32 25.55 -26.60 -17.40
N ALA A 33 24.49 -27.42 -17.43
CA ALA A 33 24.50 -28.67 -18.20
C ALA A 33 24.88 -28.44 -19.66
N THR A 34 24.08 -27.66 -20.37
CA THR A 34 24.38 -27.25 -21.73
C THR A 34 25.82 -26.78 -21.93
N LEU A 35 26.37 -26.07 -20.96
CA LEU A 35 27.72 -25.56 -21.06
C LEU A 35 28.77 -26.65 -20.95
N GLU A 36 28.56 -27.62 -20.06
CA GLU A 36 29.54 -28.69 -19.98
C GLU A 36 29.34 -29.64 -21.15
N GLU A 37 28.09 -29.96 -21.48
CA GLU A 37 27.82 -30.86 -22.60
C GLU A 37 28.31 -30.31 -23.93
N THR A 38 27.95 -29.07 -24.25
CA THR A 38 28.11 -28.63 -25.63
C THR A 38 28.87 -27.32 -25.86
N ALA A 39 29.28 -26.65 -24.80
CA ALA A 39 29.95 -25.35 -24.98
C ALA A 39 30.91 -25.04 -23.85
N PRO A 40 31.91 -25.91 -23.64
CA PRO A 40 32.71 -25.97 -22.42
C PRO A 40 33.73 -24.86 -22.20
N GLN A 41 33.84 -23.89 -23.09
CA GLN A 41 34.69 -22.73 -22.84
C GLN A 41 33.88 -21.44 -22.90
N VAL A 42 32.58 -21.57 -23.09
CA VAL A 42 31.70 -20.42 -23.04
C VAL A 42 31.47 -20.01 -21.58
N ARG A 43 31.45 -18.71 -21.34
CA ARG A 43 31.22 -18.18 -20.02
C ARG A 43 29.95 -17.38 -19.96
N VAL A 44 29.30 -17.42 -18.82
CA VAL A 44 28.13 -16.58 -18.61
C VAL A 44 28.36 -15.66 -17.41
N THR A 45 28.12 -14.38 -17.62
CA THR A 45 28.25 -13.43 -16.56
C THR A 45 26.87 -12.89 -16.23
N GLY A 46 26.57 -12.85 -14.92
CA GLY A 46 25.34 -12.28 -14.40
C GLY A 46 25.61 -10.84 -14.01
N VAL A 47 24.91 -9.92 -14.66
CA VAL A 47 25.13 -8.50 -14.48
C VAL A 47 23.97 -7.88 -13.73
N ASN A 48 24.27 -7.12 -12.69
CA ASN A 48 23.24 -6.43 -11.93
C ASN A 48 22.51 -5.35 -12.72
N LEU A 49 21.31 -5.03 -12.27
CA LEU A 49 20.52 -3.99 -12.89
C LEU A 49 21.04 -2.64 -12.44
N ARG A 50 20.90 -1.66 -13.34
CA ARG A 50 21.53 -0.36 -13.15
C ARG A 50 20.51 0.75 -13.26
N HIS A 51 20.91 1.97 -12.88
CA HIS A 51 19.99 3.08 -12.99
C HIS A 51 19.85 3.54 -14.44
N GLY A 52 20.91 3.40 -15.23
CA GLY A 52 20.86 3.80 -16.63
C GLY A 52 19.87 3.03 -17.49
N PRO A 53 19.58 3.56 -18.68
CA PRO A 53 18.61 2.97 -19.61
C PRO A 53 19.08 1.62 -20.11
N LEU A 54 18.37 0.55 -19.77
CA LEU A 54 18.80 -0.79 -20.10
C LEU A 54 18.85 -1.01 -21.62
N VAL A 55 17.91 -0.39 -22.34
CA VAL A 55 17.87 -0.53 -23.79
C VAL A 55 19.19 -0.12 -24.44
N GLU A 56 19.86 0.88 -23.88
CA GLU A 56 21.16 1.29 -24.38
C GLU A 56 22.20 0.21 -24.26
N GLU A 57 22.19 -0.50 -23.15
CA GLU A 57 23.15 -1.57 -22.91
C GLU A 57 22.92 -2.73 -23.87
N LEU A 58 21.67 -3.02 -24.18
CA LEU A 58 21.39 -4.07 -25.15
C LEU A 58 21.82 -3.63 -26.54
N GLU A 59 21.62 -2.34 -26.82
CA GLU A 59 21.98 -1.76 -28.10
C GLU A 59 23.49 -1.73 -28.29
N SER A 60 24.20 -1.29 -27.25
CA SER A 60 25.64 -1.10 -27.37
C SER A 60 26.33 -2.45 -27.46
N GLY A 61 25.60 -3.50 -27.12
CA GLY A 61 26.17 -4.83 -27.08
C GLY A 61 26.79 -5.17 -25.74
N SER A 62 26.72 -4.25 -24.77
CA SER A 62 27.39 -4.49 -23.51
C SER A 62 26.61 -5.48 -22.65
N ILE A 63 25.38 -5.75 -23.05
CA ILE A 63 24.57 -6.80 -22.48
C ILE A 63 24.04 -7.60 -23.65
N ASP A 64 24.10 -8.92 -23.54
CA ASP A 64 23.58 -9.78 -24.58
C ASP A 64 22.09 -10.00 -24.44
N ILE A 65 21.63 -10.23 -23.22
CA ILE A 65 20.23 -10.57 -22.94
C ILE A 65 19.84 -10.01 -21.57
N ALA A 66 18.62 -9.52 -21.45
CA ALA A 66 18.07 -9.17 -20.15
C ALA A 66 17.03 -10.22 -19.78
N PHE A 67 16.95 -10.56 -18.51
CA PHE A 67 16.07 -11.63 -18.08
C PHE A 67 15.19 -11.21 -16.89
N GLY A 68 13.88 -11.21 -17.09
CA GLY A 68 12.97 -10.88 -16.01
C GLY A 68 11.81 -10.08 -16.53
N GLY A 69 11.33 -9.13 -15.75
CA GLY A 69 10.20 -8.34 -16.17
C GLY A 69 10.62 -6.90 -16.27
N PHE A 70 10.71 -6.39 -17.50
CA PHE A 70 11.11 -5.02 -17.70
C PHE A 70 10.10 -4.35 -18.59
N PRO A 71 9.04 -3.83 -17.97
CA PRO A 71 7.89 -3.33 -18.74
C PRO A 71 8.31 -2.15 -19.60
N THR A 72 9.37 -1.49 -19.19
CA THR A 72 9.83 -0.29 -19.85
C THR A 72 10.61 -0.57 -21.15
N LEU A 73 10.85 -1.84 -21.45
CA LEU A 73 11.58 -2.20 -22.66
C LEU A 73 10.65 -2.47 -23.81
N SER A 74 10.81 -1.73 -24.91
CA SER A 74 9.89 -1.85 -26.02
C SER A 74 10.51 -1.57 -27.38
N ALA A 75 10.81 -0.31 -27.64
CA ALA A 75 11.29 0.11 -28.95
C ALA A 75 12.63 -0.51 -29.27
N GLY A 76 12.73 -1.16 -30.42
CA GLY A 76 13.98 -1.76 -30.83
C GLY A 76 14.30 -3.03 -30.08
N ILE A 77 13.39 -3.43 -29.19
CA ILE A 77 13.60 -4.61 -28.40
C ILE A 77 12.68 -5.72 -28.87
N LYS A 78 13.22 -6.92 -28.96
CA LYS A 78 12.44 -8.12 -29.23
C LYS A 78 12.41 -8.94 -27.96
N THR A 79 11.35 -9.72 -27.74
CA THR A 79 11.18 -10.47 -26.51
C THR A 79 10.59 -11.84 -26.73
N GLN A 80 10.70 -12.69 -25.72
CA GLN A 80 10.02 -13.98 -25.69
C GLN A 80 9.67 -14.32 -24.25
N THR A 81 8.45 -14.79 -24.02
CA THR A 81 7.98 -15.05 -22.68
C THR A 81 8.35 -16.44 -22.26
N LEU A 82 8.86 -16.58 -21.04
CA LEU A 82 9.35 -17.86 -20.59
C LEU A 82 8.44 -18.55 -19.59
N PHE A 83 7.85 -17.77 -18.67
CA PHE A 83 6.97 -18.33 -17.67
C PHE A 83 6.27 -17.25 -16.85
N ARG A 84 5.31 -17.66 -16.02
CA ARG A 84 4.63 -16.76 -15.11
C ARG A 84 5.13 -16.97 -13.71
N GLU A 85 5.20 -15.90 -12.93
CA GLU A 85 5.55 -16.02 -11.55
C GLU A 85 4.50 -15.31 -10.69
N GLU A 86 4.23 -15.86 -9.50
CA GLU A 86 3.29 -15.29 -8.56
C GLU A 86 4.02 -14.96 -7.28
N TYR A 87 3.54 -13.98 -6.53
CA TYR A 87 4.20 -13.63 -5.29
C TYR A 87 3.60 -14.36 -4.10
N VAL A 88 4.39 -14.56 -3.05
CA VAL A 88 3.89 -15.05 -1.78
C VAL A 88 4.53 -14.29 -0.64
N CYS A 89 4.25 -14.71 0.58
CA CYS A 89 4.86 -14.11 1.75
C CYS A 89 5.65 -15.13 2.54
N VAL A 90 6.69 -14.68 3.22
CA VAL A 90 7.40 -15.54 4.13
C VAL A 90 7.71 -14.82 5.43
N MET A 91 7.88 -15.61 6.49
CA MET A 91 8.39 -15.13 7.76
C MET A 91 9.11 -16.31 8.37
N ARG A 92 10.01 -16.10 9.31
CA ARG A 92 10.78 -17.22 9.82
C ARG A 92 9.95 -18.08 10.77
N GLN A 93 10.28 -19.36 10.87
CA GLN A 93 9.37 -20.30 11.56
C GLN A 93 9.40 -20.14 13.08
N SER A 94 10.31 -19.32 13.58
CA SER A 94 10.27 -18.94 15.00
C SER A 94 9.82 -17.48 15.08
N HIS A 95 8.67 -17.21 14.48
CA HIS A 95 8.08 -15.86 14.45
C HIS A 95 6.78 -15.88 15.25
N PRO A 96 6.56 -14.85 16.08
CA PRO A 96 5.38 -14.80 16.96
C PRO A 96 4.05 -15.02 16.23
N ALA A 97 3.92 -14.45 15.04
CA ALA A 97 2.69 -14.58 14.25
C ALA A 97 2.54 -15.96 13.66
N LEU A 98 3.61 -16.76 13.68
CA LEU A 98 3.56 -18.11 13.11
C LEU A 98 2.61 -18.98 13.92
N THR A 99 2.67 -18.83 15.24
CA THR A 99 1.76 -19.52 16.15
C THR A 99 0.34 -18.98 15.96
N HIS A 100 0.23 -17.85 15.27
CA HIS A 100 -1.07 -17.24 15.01
C HIS A 100 -1.42 -17.34 13.53
N GLY A 101 -2.61 -16.89 13.17
CA GLY A 101 -2.95 -16.69 11.77
C GLY A 101 -2.57 -15.26 11.43
N LEU A 102 -2.94 -14.79 10.24
CA LEU A 102 -2.61 -13.42 9.87
C LEU A 102 -3.56 -12.83 8.82
N ASP A 103 -4.60 -12.14 9.29
CA ASP A 103 -5.47 -11.38 8.41
C ASP A 103 -4.77 -10.09 7.99
N LEU A 104 -5.40 -9.39 7.06
CA LEU A 104 -4.83 -8.19 6.47
C LEU A 104 -4.34 -7.15 7.48
N GLU A 105 -5.08 -6.90 8.54
CA GLU A 105 -4.68 -5.84 9.46
C GLU A 105 -3.57 -6.28 10.43
N ALA A 106 -3.48 -7.56 10.73
CA ALA A 106 -2.38 -8.03 11.56
C ALA A 106 -1.11 -7.94 10.73
N PHE A 107 -1.26 -8.30 9.46
CA PHE A 107 -0.23 -8.16 8.46
C PHE A 107 0.28 -6.73 8.41
N ARG A 108 -0.60 -5.75 8.25
CA ARG A 108 -0.18 -4.35 8.23
C ARG A 108 0.62 -3.94 9.47
N GLN A 109 0.43 -4.63 10.58
CA GLN A 109 1.07 -4.18 11.82
C GLN A 109 2.44 -4.79 12.09
N CYS A 110 2.80 -5.86 11.38
CA CYS A 110 4.10 -6.47 11.56
C CYS A 110 5.23 -5.61 10.99
N ARG A 111 6.47 -6.08 11.13
CA ARG A 111 7.61 -5.41 10.51
C ARG A 111 7.84 -5.97 9.13
N HIS A 112 8.20 -5.11 8.19
CA HIS A 112 8.46 -5.60 6.83
C HIS A 112 9.84 -5.24 6.34
N ILE A 113 10.36 -6.09 5.46
CA ILE A 113 11.45 -5.72 4.58
C ILE A 113 10.93 -5.61 3.14
N ILE A 114 11.22 -4.49 2.51
CA ILE A 114 10.79 -4.25 1.14
C ILE A 114 11.96 -4.37 0.15
N VAL A 115 11.79 -5.15 -0.90
CA VAL A 115 12.74 -5.08 -1.99
C VAL A 115 12.35 -3.98 -2.96
N THR A 116 13.26 -3.02 -3.20
CA THR A 116 12.94 -1.88 -4.03
C THR A 116 13.42 -2.10 -5.45
N ALA A 117 12.64 -1.66 -6.42
CA ALA A 117 13.01 -1.92 -7.80
C ALA A 117 12.55 -0.87 -8.80
N HIS A 118 11.99 0.24 -8.34
CA HIS A 118 11.47 1.21 -9.30
C HIS A 118 12.59 1.95 -10.04
N GLU A 119 13.76 2.06 -9.41
CA GLU A 119 14.89 2.73 -10.06
C GLU A 119 15.44 1.93 -11.25
N PHE A 120 15.22 0.61 -11.21
CA PHE A 120 15.71 -0.28 -12.26
C PHE A 120 14.63 -0.55 -13.29
N ASN A 121 13.46 0.05 -13.08
CA ASN A 121 12.31 -0.15 -13.97
C ASN A 121 11.99 -1.62 -14.24
N HIS A 122 12.08 -2.40 -13.18
CA HIS A 122 11.87 -3.82 -13.18
C HIS A 122 10.48 -4.09 -12.63
N VAL A 123 9.76 -5.01 -13.24
CA VAL A 123 8.34 -5.22 -13.00
C VAL A 123 7.95 -5.31 -11.51
N HIS A 124 8.88 -5.77 -10.68
CA HIS A 124 8.64 -5.81 -9.25
C HIS A 124 8.23 -4.48 -8.63
N GLU A 125 8.44 -3.38 -9.34
CA GLU A 125 8.08 -2.06 -8.82
C GLU A 125 6.57 -2.00 -8.60
N GLN A 126 5.85 -2.74 -9.42
CA GLN A 126 4.43 -2.91 -9.28
C GLN A 126 4.03 -3.37 -7.89
N VAL A 127 4.70 -4.42 -7.41
CA VAL A 127 4.44 -4.96 -6.09
C VAL A 127 4.93 -4.00 -5.03
N GLU A 128 6.13 -3.49 -5.23
CA GLU A 128 6.69 -2.51 -4.32
C GLU A 128 5.70 -1.39 -4.09
N ALA A 129 5.14 -0.88 -5.17
CA ALA A 129 4.20 0.22 -5.06
C ALA A 129 2.98 -0.16 -4.23
N ARG A 130 2.44 -1.34 -4.50
CA ARG A 130 1.29 -1.85 -3.77
C ARG A 130 1.55 -1.94 -2.27
N LEU A 131 2.74 -2.38 -1.90
CA LEU A 131 3.10 -2.55 -0.50
C LEU A 131 3.31 -1.22 0.20
N LEU A 132 3.92 -0.26 -0.49
CA LEU A 132 4.15 1.04 0.10
C LEU A 132 2.82 1.77 0.31
N GLU A 133 1.84 1.45 -0.52
CA GLU A 133 0.52 2.03 -0.40
C GLU A 133 -0.25 1.41 0.78
N LEU A 134 -0.21 0.09 0.85
CA LEU A 134 -0.88 -0.69 1.88
C LEU A 134 -0.32 -0.50 3.28
N LEU A 135 0.98 -0.62 3.43
CA LEU A 135 1.63 -0.62 4.73
C LEU A 135 1.83 0.73 5.37
N PRO A 136 1.51 0.84 6.66
CA PRO A 136 1.88 2.03 7.43
C PRO A 136 3.36 2.26 7.31
N PRO A 137 3.77 3.51 7.10
CA PRO A 137 5.21 3.81 6.97
C PRO A 137 6.04 3.20 8.09
N GLU A 138 5.53 3.25 9.31
CA GLU A 138 6.25 2.73 10.45
C GLU A 138 6.41 1.22 10.40
N SER A 139 5.67 0.54 9.53
CA SER A 139 5.74 -0.91 9.48
C SER A 139 6.91 -1.42 8.68
N ILE A 140 7.51 -0.52 7.89
CA ILE A 140 8.64 -0.90 7.07
C ILE A 140 9.97 -0.60 7.74
N ARG A 141 10.72 -1.66 8.01
CA ARG A 141 11.91 -1.57 8.82
C ARG A 141 13.18 -1.53 7.99
N PHE A 142 13.25 -2.44 7.01
CA PHE A 142 14.43 -2.60 6.16
C PHE A 142 14.07 -2.45 4.71
N THR A 143 15.05 -2.01 3.92
CA THR A 143 14.86 -1.87 2.49
C THR A 143 16.12 -2.33 1.80
N THR A 144 15.99 -3.02 0.67
CA THR A 144 17.17 -3.44 -0.08
C THR A 144 16.86 -3.66 -1.53
N GLU A 145 17.90 -3.67 -2.37
CA GLU A 145 17.75 -3.88 -3.80
C GLU A 145 17.81 -5.34 -4.17
N ASN A 146 18.37 -6.17 -3.29
CA ASN A 146 18.57 -7.57 -3.60
C ASN A 146 17.56 -8.51 -2.97
N PHE A 147 16.86 -9.26 -3.81
CA PHE A 147 16.00 -10.33 -3.33
C PHE A 147 16.68 -11.31 -2.39
N LEU A 148 17.87 -11.79 -2.77
CA LEU A 148 18.55 -12.77 -1.93
C LEU A 148 18.99 -12.19 -0.59
N VAL A 149 19.43 -10.94 -0.55
CA VAL A 149 19.72 -10.33 0.74
C VAL A 149 18.49 -10.37 1.61
N SER A 150 17.39 -9.87 1.05
CA SER A 150 16.14 -9.78 1.78
C SER A 150 15.69 -11.13 2.33
N ALA A 151 15.96 -12.21 1.61
CA ALA A 151 15.59 -13.54 2.07
C ALA A 151 16.40 -13.95 3.27
N VAL A 152 17.68 -13.62 3.26
CA VAL A 152 18.56 -14.03 4.32
C VAL A 152 18.18 -13.34 5.61
N ILE A 153 17.88 -12.07 5.49
CA ILE A 153 17.47 -11.24 6.59
C ILE A 153 16.15 -11.72 7.23
N ALA A 154 15.19 -12.09 6.40
CA ALA A 154 13.93 -12.63 6.89
C ALA A 154 14.14 -13.90 7.69
N GLU A 155 15.21 -14.63 7.38
CA GLU A 155 15.54 -15.83 8.14
C GLU A 155 16.12 -15.53 9.51
N GLU A 156 16.81 -14.41 9.61
CA GLU A 156 17.56 -14.07 10.82
C GLU A 156 16.79 -13.15 11.76
N THR A 157 15.65 -12.63 11.30
CA THR A 157 14.86 -11.68 12.08
C THR A 157 13.38 -11.85 11.84
N ASP A 158 12.57 -11.22 12.68
CA ASP A 158 11.13 -11.29 12.51
C ASP A 158 10.62 -10.18 11.62
N VAL A 159 10.71 -10.35 10.33
CA VAL A 159 10.15 -9.41 9.38
C VAL A 159 9.44 -10.19 8.30
N ILE A 160 8.48 -9.57 7.66
CA ILE A 160 7.75 -10.24 6.62
C ILE A 160 8.28 -9.80 5.27
N LEU A 161 8.40 -10.75 4.37
CA LEU A 161 8.97 -10.52 3.07
C LEU A 161 8.01 -11.01 2.00
N THR A 162 7.84 -10.23 0.94
CA THR A 162 6.91 -10.57 -0.14
C THR A 162 7.74 -10.68 -1.42
N ILE A 163 7.73 -11.88 -2.01
CA ILE A 163 8.71 -12.26 -3.01
C ILE A 163 8.15 -13.27 -3.98
N PRO A 164 8.78 -13.43 -5.16
CA PRO A 164 8.37 -14.49 -6.08
C PRO A 164 8.35 -15.85 -5.41
N SER A 165 7.40 -16.70 -5.78
CA SER A 165 7.27 -18.00 -5.12
C SER A 165 8.48 -18.88 -5.34
N ARG A 166 9.13 -18.76 -6.50
CA ARG A 166 10.26 -19.64 -6.79
C ARG A 166 11.37 -19.43 -5.80
N LEU A 167 11.60 -18.18 -5.43
CA LEU A 167 12.59 -17.81 -4.45
C LEU A 167 12.16 -18.29 -3.08
N ALA A 168 10.91 -18.03 -2.72
CA ALA A 168 10.36 -18.50 -1.47
C ALA A 168 10.56 -20.01 -1.29
N ARG A 169 10.27 -20.76 -2.33
CA ARG A 169 10.42 -22.20 -2.29
C ARG A 169 11.88 -22.58 -2.06
N TRP A 170 12.81 -21.89 -2.73
CA TRP A 170 14.20 -22.25 -2.59
C TRP A 170 14.67 -22.09 -1.14
N PHE A 171 14.14 -21.11 -0.42
CA PHE A 171 14.56 -20.88 0.96
C PHE A 171 13.70 -21.63 1.97
N ALA A 172 12.48 -21.95 1.59
CA ALA A 172 11.62 -22.75 2.43
C ALA A 172 12.28 -24.11 2.62
N ASN A 173 12.93 -24.60 1.57
CA ASN A 173 13.54 -25.92 1.59
C ASN A 173 14.60 -26.16 2.65
N ARG A 174 14.92 -25.14 3.42
CA ARG A 174 15.87 -25.28 4.51
C ARG A 174 15.18 -24.97 5.81
N GLY A 175 13.87 -24.76 5.74
CA GLY A 175 13.04 -24.70 6.92
C GLY A 175 13.20 -23.48 7.79
N GLY A 176 13.99 -22.51 7.35
CA GLY A 176 14.10 -21.27 8.09
C GLY A 176 12.81 -20.48 8.00
N LEU A 177 12.10 -20.64 6.89
CA LEU A 177 11.01 -19.75 6.52
C LEU A 177 9.74 -20.48 6.22
N THR A 178 8.61 -19.90 6.60
CA THR A 178 7.34 -20.47 6.22
C THR A 178 6.71 -19.59 5.17
N ILE A 179 6.06 -20.23 4.21
CA ILE A 179 5.37 -19.56 3.15
C ILE A 179 3.89 -19.44 3.47
N PHE A 180 3.32 -18.26 3.29
CA PHE A 180 1.88 -18.12 3.40
C PHE A 180 1.43 -17.17 2.31
N PRO A 181 0.13 -17.19 1.97
CA PRO A 181 -0.30 -16.34 0.85
C PRO A 181 -0.31 -14.87 1.22
N VAL A 182 -0.16 -13.99 0.24
CA VAL A 182 -0.31 -12.57 0.48
C VAL A 182 -1.77 -12.25 0.71
N PRO A 183 -2.10 -11.48 1.76
CA PRO A 183 -3.50 -11.17 2.03
C PRO A 183 -4.09 -10.06 1.14
N ILE A 184 -3.36 -9.66 0.12
CA ILE A 184 -3.92 -8.80 -0.91
C ILE A 184 -3.72 -9.52 -2.24
N GLU A 185 -4.39 -9.03 -3.29
CA GLU A 185 -4.32 -9.64 -4.60
C GLU A 185 -3.25 -8.93 -5.47
N LEU A 186 -2.10 -9.58 -5.65
CA LEU A 186 -0.99 -8.99 -6.41
C LEU A 186 -0.98 -9.39 -7.87
N PRO A 187 -0.45 -8.51 -8.74
CA PRO A 187 -0.41 -8.86 -10.16
C PRO A 187 0.45 -10.10 -10.47
N SER A 188 0.04 -10.89 -11.45
CA SER A 188 0.82 -12.01 -11.94
C SER A 188 1.90 -11.54 -12.90
N ILE A 189 3.11 -12.04 -12.71
CA ILE A 189 4.26 -11.54 -13.45
C ILE A 189 4.62 -12.38 -14.65
N GLU A 190 4.86 -11.74 -15.79
CA GLU A 190 5.42 -12.45 -16.93
C GLU A 190 6.93 -12.25 -17.06
N VAL A 191 7.67 -13.34 -16.91
CA VAL A 191 9.13 -13.33 -16.99
C VAL A 191 9.60 -13.69 -18.40
N LYS A 192 10.43 -12.82 -18.98
CA LYS A 192 10.84 -12.99 -20.36
C LYS A 192 12.32 -12.83 -20.55
N GLN A 193 12.78 -13.12 -21.76
CA GLN A 193 14.10 -12.70 -22.16
C GLN A 193 13.97 -11.62 -23.21
N TYR A 194 14.84 -10.65 -23.12
CA TYR A 194 14.84 -9.49 -23.97
C TYR A 194 16.17 -9.39 -24.72
N TRP A 195 16.11 -9.02 -25.98
CA TRP A 195 17.33 -8.71 -26.71
C TRP A 195 17.08 -7.59 -27.71
N HIS A 196 18.14 -6.99 -28.24
CA HIS A 196 17.98 -5.88 -29.17
C HIS A 196 17.90 -6.36 -30.60
N GLU A 197 17.21 -5.60 -31.45
CA GLU A 197 17.07 -5.93 -32.86
C GLU A 197 18.42 -6.05 -33.51
N ARG A 198 19.29 -5.12 -33.16
CA ARG A 198 20.63 -5.04 -33.70
C ARG A 198 21.39 -6.36 -33.56
N TYR A 199 20.88 -7.27 -32.73
CA TYR A 199 21.57 -8.53 -32.51
C TYR A 199 20.65 -9.70 -32.76
N ASP A 200 19.56 -9.45 -33.47
CA ASP A 200 18.57 -10.49 -33.67
C ASP A 200 19.14 -11.62 -34.51
N LYS A 201 20.15 -11.31 -35.32
CA LYS A 201 20.68 -12.27 -36.27
C LYS A 201 22.10 -12.71 -35.93
N ASP A 202 22.62 -12.18 -34.83
CA ASP A 202 23.89 -12.61 -34.29
C ASP A 202 23.82 -14.08 -33.94
N PRO A 203 24.72 -14.90 -34.47
CA PRO A 203 24.68 -16.33 -34.19
C PRO A 203 24.78 -16.69 -32.71
N GLY A 204 25.68 -16.04 -31.97
CA GLY A 204 25.85 -16.37 -30.57
C GLY A 204 24.60 -16.02 -29.76
N ASN A 205 24.12 -14.82 -30.01
CA ASN A 205 22.90 -14.41 -29.40
C ASN A 205 21.75 -15.35 -29.70
N ILE A 206 21.68 -15.83 -30.93
CA ILE A 206 20.61 -16.72 -31.32
C ILE A 206 20.73 -18.01 -30.56
N TRP A 207 21.95 -18.46 -30.38
CA TRP A 207 22.20 -19.72 -29.71
C TRP A 207 21.75 -19.66 -28.26
N LEU A 208 22.11 -18.56 -27.59
CA LEU A 208 21.80 -18.37 -26.19
C LEU A 208 20.29 -18.35 -25.95
N ARG A 209 19.57 -17.58 -26.75
CA ARG A 209 18.10 -17.57 -26.67
C ARG A 209 17.53 -18.98 -26.82
N ARG A 210 18.12 -19.79 -27.68
CA ARG A 210 17.63 -21.12 -27.92
C ARG A 210 17.77 -21.95 -26.67
N VAL A 211 18.92 -21.83 -26.01
CA VAL A 211 19.19 -22.60 -24.81
C VAL A 211 18.28 -22.19 -23.66
N ILE A 212 18.23 -20.90 -23.41
CA ILE A 212 17.34 -20.32 -22.42
C ILE A 212 15.91 -20.77 -22.65
N ALA A 213 15.44 -20.67 -23.88
CA ALA A 213 14.06 -21.00 -24.20
C ALA A 213 13.73 -22.47 -24.02
N LYS A 214 14.75 -23.33 -23.94
CA LYS A 214 14.53 -24.76 -23.77
C LYS A 214 14.61 -25.16 -22.29
N ILE A 215 14.86 -24.20 -21.42
CA ILE A 215 14.98 -24.52 -20.02
C ILE A 215 13.63 -24.95 -19.44
N GLY A 216 13.65 -26.02 -18.66
CA GLY A 216 12.45 -26.44 -17.96
C GLY A 216 12.31 -25.57 -16.74
N PHE A 217 11.39 -24.62 -16.79
CA PHE A 217 11.21 -23.73 -15.66
C PHE A 217 10.03 -24.19 -14.81
N GLN A 218 9.96 -25.49 -14.51
CA GLN A 218 8.83 -26.07 -13.78
C GLN A 218 9.33 -26.93 -12.63
N PHE B 6 18.79 14.70 17.86
CA PHE B 6 18.36 13.38 17.39
C PHE B 6 17.99 12.46 18.55
N ASP B 7 16.81 11.86 18.46
CA ASP B 7 16.37 10.89 19.46
C ASP B 7 16.03 9.57 18.77
N PRO B 8 16.72 8.49 19.16
CA PRO B 8 16.42 7.20 18.55
C PRO B 8 14.99 6.79 18.82
N GLY B 9 14.52 7.10 20.02
CA GLY B 9 13.24 6.62 20.49
C GLY B 9 12.06 7.10 19.68
N THR B 10 12.24 8.16 18.93
CA THR B 10 11.12 8.73 18.18
C THR B 10 11.49 9.13 16.76
N SER B 11 12.75 9.03 16.40
CA SER B 11 13.16 9.37 15.04
C SER B 11 12.55 8.42 14.03
N ASN B 12 12.38 8.91 12.80
CA ASN B 12 11.89 8.09 11.71
C ASN B 12 12.87 8.14 10.53
N ARG B 13 14.12 8.47 10.84
CA ARG B 13 15.16 8.59 9.83
C ARG B 13 15.46 7.29 9.11
N ASN B 14 15.54 7.39 7.79
CA ASN B 14 15.95 6.28 6.97
C ASN B 14 17.43 6.34 6.77
N PHE B 15 18.19 5.48 7.44
CA PHE B 15 19.64 5.43 7.28
C PHE B 15 20.06 4.56 6.11
N ARG B 16 20.92 5.09 5.25
CA ARG B 16 21.36 4.34 4.10
C ARG B 16 22.79 3.85 4.26
N ILE B 17 22.94 2.52 4.25
CA ILE B 17 24.24 1.88 4.35
C ILE B 17 24.66 1.27 3.03
N ALA B 18 25.85 1.60 2.57
CA ALA B 18 26.36 1.01 1.34
C ALA B 18 27.26 -0.19 1.64
N ALA B 19 26.92 -1.32 1.03
CA ALA B 19 27.67 -2.55 1.24
C ALA B 19 27.39 -3.52 0.11
N SER B 20 28.30 -4.48 -0.08
CA SER B 20 28.05 -5.63 -0.94
C SER B 20 26.83 -6.36 -0.43
N ASP B 21 26.26 -7.24 -1.24
CA ASP B 21 25.09 -7.94 -0.80
C ASP B 21 25.46 -8.77 0.41
N PHE B 22 26.66 -9.34 0.42
CA PHE B 22 27.11 -10.07 1.59
C PHE B 22 27.13 -9.17 2.80
N GLY B 23 27.70 -7.98 2.65
CA GLY B 23 27.77 -6.99 3.72
C GLY B 23 26.42 -6.57 4.27
N GLN B 24 25.44 -6.41 3.39
CA GLN B 24 24.08 -6.06 3.80
C GLN B 24 23.39 -7.17 4.59
N ALA B 25 23.47 -8.38 4.06
CA ALA B 25 22.91 -9.55 4.72
C ALA B 25 23.49 -9.77 6.10
N LEU B 26 24.77 -9.45 6.26
CA LEU B 26 25.44 -9.65 7.53
C LEU B 26 25.03 -8.58 8.52
N MET B 27 24.99 -7.34 8.05
CA MET B 27 24.79 -6.16 8.90
C MET B 27 23.38 -5.93 9.43
N LEU B 28 22.42 -5.82 8.53
CA LEU B 28 21.06 -5.44 8.90
C LEU B 28 20.47 -6.32 10.02
N PRO B 29 20.60 -7.66 9.92
CA PRO B 29 20.07 -8.50 11.01
C PRO B 29 20.67 -8.20 12.37
N ARG B 30 21.93 -7.81 12.40
CA ARG B 30 22.59 -7.46 13.65
C ARG B 30 22.08 -6.12 14.18
N LEU B 31 21.21 -5.46 13.43
CA LEU B 31 20.70 -4.17 13.87
C LEU B 31 19.25 -4.23 14.32
N TYR B 32 18.58 -5.36 14.05
CA TYR B 32 17.15 -5.47 14.30
C TYR B 32 16.75 -5.17 15.75
N ALA B 33 17.44 -5.80 16.70
CA ALA B 33 17.08 -5.66 18.10
C ALA B 33 17.14 -4.21 18.52
N THR B 34 18.25 -3.56 18.20
CA THR B 34 18.49 -2.17 18.55
C THR B 34 17.36 -1.29 18.05
N LEU B 35 16.87 -1.63 16.86
CA LEU B 35 15.75 -0.92 16.27
C LEU B 35 14.49 -1.22 17.03
N GLU B 36 14.27 -2.49 17.30
CA GLU B 36 13.05 -2.93 17.95
C GLU B 36 12.96 -2.34 19.36
N GLU B 37 14.09 -2.29 20.05
CA GLU B 37 14.12 -1.93 21.44
C GLU B 37 14.27 -0.44 21.69
N THR B 38 14.88 0.27 20.75
CA THR B 38 15.27 1.65 21.06
C THR B 38 15.05 2.64 19.94
N ALA B 39 14.77 2.16 18.74
CA ALA B 39 14.56 3.06 17.62
C ALA B 39 13.54 2.50 16.63
N PRO B 40 12.34 2.21 17.12
CA PRO B 40 11.33 1.42 16.42
C PRO B 40 10.76 2.08 15.17
N GLN B 41 11.21 3.28 14.86
CA GLN B 41 10.63 3.97 13.71
C GLN B 41 11.75 4.30 12.75
N VAL B 42 12.97 3.98 13.16
CA VAL B 42 14.13 4.15 12.31
C VAL B 42 14.21 3.03 11.27
N ARG B 43 14.42 3.45 10.02
CA ARG B 43 14.63 2.54 8.90
C ARG B 43 16.10 2.39 8.51
N VAL B 44 16.51 1.18 8.17
CA VAL B 44 17.81 0.98 7.55
C VAL B 44 17.65 0.45 6.12
N THR B 45 18.34 1.11 5.20
CA THR B 45 18.36 0.74 3.79
C THR B 45 19.75 0.25 3.40
N GLY B 46 19.82 -0.93 2.81
CA GLY B 46 21.08 -1.40 2.24
C GLY B 46 21.20 -0.98 0.78
N VAL B 47 22.31 -0.35 0.43
CA VAL B 47 22.52 0.10 -0.95
C VAL B 47 23.67 -0.66 -1.61
N ASN B 48 23.48 -1.06 -2.85
CA ASN B 48 24.55 -1.71 -3.56
C ASN B 48 25.66 -0.74 -3.89
N LEU B 49 26.89 -1.24 -3.93
CA LEU B 49 28.04 -0.48 -4.44
C LEU B 49 27.86 -0.15 -5.91
N ARG B 50 28.34 1.00 -6.32
CA ARG B 50 28.10 1.41 -7.70
C ARG B 50 29.37 1.71 -8.48
N HIS B 51 29.17 2.03 -9.75
CA HIS B 51 30.22 2.48 -10.66
C HIS B 51 31.07 3.61 -10.09
N GLY B 52 30.40 4.67 -9.65
CA GLY B 52 31.06 5.87 -9.19
C GLY B 52 31.96 5.69 -7.97
N PRO B 53 32.50 6.81 -7.47
CA PRO B 53 33.35 6.87 -6.28
C PRO B 53 32.55 7.05 -5.00
N LEU B 54 32.87 6.22 -4.02
CA LEU B 54 32.13 6.18 -2.77
C LEU B 54 32.17 7.52 -2.04
N VAL B 55 33.33 8.15 -2.02
CA VAL B 55 33.54 9.43 -1.34
C VAL B 55 32.47 10.45 -1.68
N GLU B 56 32.15 10.55 -2.97
CA GLU B 56 31.16 11.51 -3.44
C GLU B 56 29.77 11.17 -2.92
N GLU B 57 29.56 9.91 -2.59
CA GLU B 57 28.29 9.50 -2.04
C GLU B 57 28.24 9.78 -0.55
N LEU B 58 29.33 9.52 0.17
CA LEU B 58 29.38 9.83 1.58
C LEU B 58 29.24 11.34 1.80
N GLU B 59 29.97 12.12 1.00
CA GLU B 59 29.90 13.58 1.05
C GLU B 59 28.50 14.10 0.78
N SER B 60 27.91 13.62 -0.31
CA SER B 60 26.58 14.03 -0.73
C SER B 60 25.54 13.87 0.36
N GLY B 61 25.75 12.91 1.25
CA GLY B 61 24.75 12.53 2.22
C GLY B 61 23.93 11.41 1.64
N SER B 62 24.17 11.14 0.35
CA SER B 62 23.57 10.05 -0.41
C SER B 62 23.67 8.74 0.34
N ILE B 63 24.81 8.55 0.99
CA ILE B 63 25.05 7.37 1.79
C ILE B 63 25.49 7.84 3.16
N ASP B 64 24.97 7.25 4.20
CA ASP B 64 25.37 7.68 5.53
C ASP B 64 26.67 7.05 5.91
N ILE B 65 26.77 5.76 5.67
CA ILE B 65 27.88 4.94 6.13
C ILE B 65 28.15 3.88 5.08
N ALA B 66 29.41 3.45 4.96
CA ALA B 66 29.78 2.35 4.09
C ALA B 66 30.33 1.22 4.95
N PHE B 67 30.00 -0.02 4.61
CA PHE B 67 30.42 -1.16 5.40
C PHE B 67 31.13 -2.20 4.53
N GLY B 68 32.32 -2.61 4.94
CA GLY B 68 33.07 -3.55 4.14
C GLY B 68 34.55 -3.26 4.15
N GLY B 69 35.22 -3.57 3.05
CA GLY B 69 36.63 -3.30 2.92
C GLY B 69 36.86 -2.48 1.68
N PHE B 70 37.22 -1.21 1.86
CA PHE B 70 37.43 -0.33 0.73
C PHE B 70 38.74 0.41 0.90
N PRO B 71 39.80 -0.07 0.27
CA PRO B 71 41.13 0.51 0.46
C PRO B 71 41.23 1.91 -0.12
N THR B 72 40.40 2.15 -1.12
CA THR B 72 40.45 3.33 -1.95
C THR B 72 39.93 4.60 -1.26
N LEU B 73 39.05 4.41 -0.27
CA LEU B 73 38.56 5.54 0.51
C LEU B 73 39.69 6.04 1.42
N SER B 74 40.02 7.33 1.26
CA SER B 74 41.08 7.98 2.05
C SER B 74 40.80 9.47 2.28
N ALA B 75 40.61 10.21 1.20
CA ALA B 75 40.60 11.66 1.25
C ALA B 75 39.28 12.25 1.74
N GLY B 76 39.12 12.36 3.06
CA GLY B 76 37.93 12.97 3.63
C GLY B 76 37.02 11.92 4.24
N ILE B 77 37.58 10.75 4.47
CA ILE B 77 36.83 9.63 5.00
C ILE B 77 37.41 9.20 6.32
N LYS B 78 36.56 9.05 7.33
CA LYS B 78 37.00 8.51 8.60
C LYS B 78 36.62 7.04 8.59
N THR B 79 37.35 6.21 9.31
CA THR B 79 37.04 4.79 9.33
C THR B 79 37.25 4.18 10.71
N GLN B 80 36.45 3.17 11.02
CA GLN B 80 36.71 2.37 12.19
C GLN B 80 36.70 0.91 11.80
N THR B 81 37.80 0.23 12.07
CA THR B 81 37.94 -1.16 11.71
C THR B 81 37.08 -1.99 12.60
N LEU B 82 36.24 -2.83 12.01
CA LEU B 82 35.26 -3.59 12.79
C LEU B 82 35.73 -4.99 13.09
N PHE B 83 36.34 -5.64 12.11
CA PHE B 83 36.89 -7.00 12.26
C PHE B 83 37.69 -7.40 11.02
N ARG B 84 38.25 -8.61 11.04
CA ARG B 84 39.02 -9.09 9.89
C ARG B 84 38.55 -10.46 9.36
N GLU B 85 38.67 -10.66 8.06
CA GLU B 85 38.10 -11.84 7.43
C GLU B 85 39.10 -12.57 6.51
N GLU B 86 38.96 -13.89 6.43
CA GLU B 86 39.74 -14.73 5.54
C GLU B 86 38.85 -15.43 4.51
N TYR B 87 39.49 -15.99 3.49
CA TYR B 87 38.80 -16.63 2.39
C TYR B 87 38.92 -18.13 2.43
N VAL B 88 37.90 -18.80 1.89
CA VAL B 88 37.93 -20.25 1.77
C VAL B 88 37.25 -20.67 0.47
N CYS B 89 37.21 -21.98 0.25
CA CYS B 89 36.53 -22.53 -0.90
C CYS B 89 35.34 -23.30 -0.45
N VAL B 90 34.32 -23.35 -1.30
CA VAL B 90 33.20 -24.18 -1.06
C VAL B 90 32.84 -24.95 -2.31
N MET B 91 32.41 -26.18 -2.13
CA MET B 91 31.87 -26.99 -3.20
C MET B 91 30.80 -27.83 -2.56
N ARG B 92 29.82 -28.26 -3.34
CA ARG B 92 28.72 -28.99 -2.77
C ARG B 92 29.14 -30.43 -2.59
N GLN B 93 28.60 -31.07 -1.55
CA GLN B 93 29.03 -32.42 -1.18
C GLN B 93 28.91 -33.40 -2.33
N SER B 94 27.95 -33.16 -3.21
CA SER B 94 27.76 -33.99 -4.39
C SER B 94 28.63 -33.55 -5.55
N HIS B 95 29.88 -33.21 -5.27
CA HIS B 95 30.83 -32.80 -6.28
C HIS B 95 31.95 -33.83 -6.34
N PRO B 96 32.30 -34.28 -7.55
CA PRO B 96 33.37 -35.27 -7.82
C PRO B 96 34.68 -34.96 -7.11
N ALA B 97 35.09 -33.70 -7.11
CA ALA B 97 36.37 -33.34 -6.52
C ALA B 97 36.37 -33.44 -5.00
N LEU B 98 35.22 -33.75 -4.41
CA LEU B 98 35.09 -33.69 -2.97
C LEU B 98 35.98 -34.72 -2.31
N THR B 99 35.76 -35.97 -2.69
CA THR B 99 36.43 -37.10 -2.04
C THR B 99 37.80 -37.31 -2.64
N HIS B 100 38.48 -36.23 -2.96
CA HIS B 100 39.71 -36.32 -3.74
C HIS B 100 40.75 -35.29 -3.34
N GLY B 101 40.35 -34.24 -2.64
CA GLY B 101 41.29 -33.23 -2.19
C GLY B 101 41.38 -32.05 -3.14
N LEU B 102 41.71 -30.89 -2.61
CA LEU B 102 41.69 -29.69 -3.42
C LEU B 102 43.05 -29.03 -3.54
N ASP B 103 44.07 -29.83 -3.83
CA ASP B 103 45.40 -29.31 -4.15
C ASP B 103 45.31 -28.41 -5.36
N LEU B 104 46.34 -27.61 -5.59
CA LEU B 104 46.32 -26.62 -6.64
C LEU B 104 46.06 -27.20 -8.02
N GLU B 105 46.64 -28.36 -8.30
CA GLU B 105 46.50 -29.02 -9.60
C GLU B 105 45.06 -29.50 -9.83
N ALA B 106 44.44 -30.05 -8.79
CA ALA B 106 43.01 -30.41 -8.86
C ALA B 106 42.13 -29.17 -8.97
N PHE B 107 42.46 -28.15 -8.20
CA PHE B 107 41.76 -26.88 -8.24
C PHE B 107 41.59 -26.37 -9.66
N ARG B 108 42.68 -26.34 -10.39
CA ARG B 108 42.73 -25.82 -11.77
C ARG B 108 41.90 -26.61 -12.76
N GLN B 109 41.65 -27.86 -12.43
CA GLN B 109 40.90 -28.76 -13.26
C GLN B 109 39.37 -28.65 -13.04
N CYS B 110 38.95 -27.88 -12.04
CA CYS B 110 37.54 -27.71 -11.74
C CYS B 110 36.93 -26.54 -12.49
N ARG B 111 35.61 -26.44 -12.46
CA ARG B 111 34.96 -25.25 -12.96
C ARG B 111 34.77 -24.27 -11.81
N HIS B 112 34.90 -22.99 -12.11
CA HIS B 112 34.86 -21.97 -11.10
C HIS B 112 33.79 -20.95 -11.35
N ILE B 113 33.20 -20.47 -10.28
CA ILE B 113 32.45 -19.24 -10.35
C ILE B 113 33.21 -18.15 -9.58
N ILE B 114 33.48 -17.04 -10.26
CA ILE B 114 34.26 -15.95 -9.69
C ILE B 114 33.35 -14.77 -9.40
N VAL B 115 33.43 -14.26 -8.19
CA VAL B 115 32.78 -13.00 -7.86
C VAL B 115 33.69 -11.84 -8.27
N THR B 116 33.16 -10.88 -9.01
CA THR B 116 33.97 -9.77 -9.46
C THR B 116 33.65 -8.53 -8.64
N ALA B 117 34.66 -7.72 -8.36
CA ALA B 117 34.48 -6.59 -7.47
C ALA B 117 35.15 -5.33 -7.99
N HIS B 118 35.88 -5.49 -9.09
CA HIS B 118 36.70 -4.42 -9.66
C HIS B 118 35.94 -3.11 -9.86
N GLU B 119 34.68 -3.21 -10.26
CA GLU B 119 33.92 -2.02 -10.63
C GLU B 119 33.75 -1.05 -9.47
N PHE B 120 33.69 -1.57 -8.25
CA PHE B 120 33.33 -0.75 -7.10
C PHE B 120 34.40 -0.72 -6.06
N ASN B 121 35.66 -0.69 -6.54
CA ASN B 121 36.86 -0.70 -5.71
C ASN B 121 36.68 -1.30 -4.32
N HIS B 122 36.35 -2.59 -4.33
CA HIS B 122 36.13 -3.41 -3.15
C HIS B 122 37.35 -4.30 -2.99
N VAL B 123 37.80 -4.48 -1.75
CA VAL B 123 39.03 -5.21 -1.45
C VAL B 123 39.13 -6.61 -2.13
N HIS B 124 37.98 -7.19 -2.46
CA HIS B 124 37.89 -8.47 -3.16
C HIS B 124 38.61 -8.47 -4.52
N GLU B 125 38.88 -7.29 -5.07
CA GLU B 125 39.69 -7.14 -6.28
C GLU B 125 40.94 -7.99 -6.19
N GLN B 126 41.55 -7.96 -5.00
CA GLN B 126 42.80 -8.65 -4.74
C GLN B 126 42.64 -10.14 -4.85
N VAL B 127 41.58 -10.67 -4.26
CA VAL B 127 41.28 -12.08 -4.37
C VAL B 127 40.95 -12.46 -5.82
N GLU B 128 40.20 -11.62 -6.49
CA GLU B 128 39.78 -11.92 -7.85
C GLU B 128 40.98 -11.98 -8.76
N ALA B 129 41.93 -11.09 -8.53
CA ALA B 129 43.12 -11.00 -9.38
C ALA B 129 44.01 -12.21 -9.19
N ARG B 130 44.23 -12.62 -7.94
CA ARG B 130 45.05 -13.78 -7.62
C ARG B 130 44.54 -15.05 -8.29
N LEU B 131 43.22 -15.22 -8.31
CA LEU B 131 42.61 -16.44 -8.86
C LEU B 131 42.81 -16.47 -10.36
N LEU B 132 42.55 -15.34 -11.00
CA LEU B 132 42.66 -15.22 -12.43
C LEU B 132 44.09 -15.46 -12.89
N GLU B 133 45.03 -15.15 -12.00
CA GLU B 133 46.43 -15.33 -12.30
C GLU B 133 46.74 -16.80 -12.46
N LEU B 134 46.18 -17.60 -11.56
CA LEU B 134 46.60 -18.98 -11.40
C LEU B 134 45.67 -19.97 -12.07
N LEU B 135 44.50 -19.51 -12.50
CA LEU B 135 43.54 -20.39 -13.12
C LEU B 135 43.57 -20.22 -14.60
N PRO B 136 43.56 -21.33 -15.34
CA PRO B 136 43.36 -21.31 -16.78
C PRO B 136 41.98 -20.73 -17.13
N PRO B 137 41.94 -19.87 -18.15
CA PRO B 137 40.73 -19.15 -18.58
C PRO B 137 39.50 -20.01 -18.89
N GLU B 138 39.64 -21.33 -18.95
CA GLU B 138 38.55 -22.19 -19.37
C GLU B 138 37.95 -22.92 -18.19
N SER B 139 38.61 -22.78 -17.06
CA SER B 139 38.10 -23.38 -15.84
C SER B 139 37.10 -22.41 -15.22
N ILE B 140 37.07 -21.21 -15.77
CA ILE B 140 36.13 -20.20 -15.32
C ILE B 140 34.86 -20.26 -16.13
N ARG B 141 33.76 -20.56 -15.44
CA ARG B 141 32.50 -20.87 -16.08
C ARG B 141 31.48 -19.75 -15.88
N PHE B 142 31.33 -19.28 -14.64
CA PHE B 142 30.39 -18.21 -14.32
C PHE B 142 31.08 -17.03 -13.67
N THR B 143 30.44 -15.87 -13.78
CA THR B 143 30.88 -14.64 -13.13
C THR B 143 29.67 -13.88 -12.64
N THR B 144 29.78 -13.28 -11.46
CA THR B 144 28.70 -12.48 -10.93
C THR B 144 29.29 -11.44 -9.99
N GLU B 145 28.53 -10.38 -9.69
CA GLU B 145 29.02 -9.36 -8.77
C GLU B 145 28.47 -9.56 -7.36
N ASN B 146 27.47 -10.41 -7.20
CA ASN B 146 26.95 -10.68 -5.87
C ASN B 146 27.43 -11.99 -5.29
N PHE B 147 27.92 -11.92 -4.06
CA PHE B 147 28.34 -13.09 -3.34
C PHE B 147 27.21 -14.07 -3.12
N LEU B 148 26.03 -13.56 -2.83
CA LEU B 148 24.92 -14.44 -2.48
C LEU B 148 24.46 -15.20 -3.69
N VAL B 149 24.38 -14.54 -4.84
CA VAL B 149 24.04 -15.20 -6.08
C VAL B 149 24.98 -16.37 -6.31
N SER B 150 26.27 -16.14 -6.11
CA SER B 150 27.24 -17.14 -6.45
C SER B 150 27.19 -18.32 -5.48
N ALA B 151 26.83 -18.04 -4.25
CA ALA B 151 26.70 -19.11 -3.26
C ALA B 151 25.54 -20.05 -3.60
N VAL B 152 24.44 -19.54 -4.14
CA VAL B 152 23.38 -20.46 -4.44
C VAL B 152 23.75 -21.20 -5.72
N ILE B 153 24.45 -20.55 -6.63
CA ILE B 153 24.90 -21.25 -7.83
C ILE B 153 25.87 -22.39 -7.50
N ALA B 154 26.79 -22.16 -6.56
CA ALA B 154 27.67 -23.25 -6.12
C ALA B 154 26.92 -24.37 -5.43
N GLU B 155 25.72 -24.07 -4.94
CA GLU B 155 24.97 -25.07 -4.19
C GLU B 155 24.17 -25.89 -5.17
N GLU B 156 23.94 -25.29 -6.34
CA GLU B 156 23.15 -25.92 -7.39
C GLU B 156 23.97 -26.64 -8.45
N THR B 157 25.21 -26.22 -8.66
CA THR B 157 26.03 -26.81 -9.71
C THR B 157 27.41 -27.16 -9.19
N ASP B 158 28.16 -27.92 -9.98
CA ASP B 158 29.51 -28.34 -9.60
C ASP B 158 30.57 -27.30 -9.91
N VAL B 159 30.48 -26.12 -9.31
CA VAL B 159 31.49 -25.10 -9.47
C VAL B 159 32.17 -24.84 -8.14
N ILE B 160 33.43 -24.42 -8.18
CA ILE B 160 34.12 -24.05 -6.96
C ILE B 160 33.97 -22.55 -6.75
N LEU B 161 33.76 -22.16 -5.49
CA LEU B 161 33.55 -20.77 -5.15
C LEU B 161 34.47 -20.35 -4.02
N THR B 162 35.19 -19.27 -4.24
CA THR B 162 36.14 -18.79 -3.27
C THR B 162 35.58 -17.50 -2.67
N ILE B 163 35.29 -17.55 -1.36
CA ILE B 163 34.50 -16.52 -0.69
C ILE B 163 34.96 -16.30 0.75
N PRO B 164 34.48 -15.23 1.38
CA PRO B 164 34.77 -15.02 2.80
C PRO B 164 34.16 -16.09 3.69
N SER B 165 34.87 -16.44 4.75
CA SER B 165 34.49 -17.56 5.58
C SER B 165 33.14 -17.40 6.28
N ARG B 166 32.79 -16.19 6.70
CA ARG B 166 31.50 -16.01 7.36
C ARG B 166 30.39 -16.38 6.40
N LEU B 167 30.54 -16.00 5.13
CA LEU B 167 29.54 -16.32 4.12
C LEU B 167 29.52 -17.80 3.90
N ALA B 168 30.70 -18.38 3.81
CA ALA B 168 30.86 -19.80 3.65
C ALA B 168 30.18 -20.54 4.80
N ARG B 169 30.55 -20.21 6.03
CA ARG B 169 29.99 -20.89 7.20
C ARG B 169 28.47 -20.79 7.20
N TRP B 170 27.97 -19.68 6.68
CA TRP B 170 26.54 -19.46 6.65
C TRP B 170 25.84 -20.45 5.75
N PHE B 171 26.44 -20.77 4.61
CA PHE B 171 25.80 -21.69 3.68
C PHE B 171 26.10 -23.15 3.97
N ALA B 172 27.25 -23.43 4.57
CA ALA B 172 27.62 -24.78 4.93
C ALA B 172 26.62 -25.35 5.94
N ASN B 173 26.38 -24.61 7.02
CA ASN B 173 25.38 -25.00 8.02
C ASN B 173 24.02 -25.38 7.43
N ARG B 174 23.47 -24.52 6.59
CA ARG B 174 22.13 -24.71 6.07
C ARG B 174 22.08 -25.44 4.73
N GLY B 175 23.02 -26.36 4.49
CA GLY B 175 23.03 -27.06 3.20
C GLY B 175 24.25 -27.82 2.72
N GLY B 176 24.30 -28.04 1.40
CA GLY B 176 25.22 -28.98 0.79
C GLY B 176 26.68 -28.58 0.59
N LEU B 177 26.97 -27.29 0.70
CA LEU B 177 28.32 -26.82 0.49
C LEU B 177 29.20 -27.27 1.63
N THR B 178 30.41 -27.67 1.27
CA THR B 178 31.47 -28.05 2.17
C THR B 178 32.63 -27.05 2.00
N ILE B 179 33.35 -26.77 3.07
CA ILE B 179 34.35 -25.72 3.06
C ILE B 179 35.76 -26.26 2.95
N PHE B 180 36.57 -25.66 2.07
CA PHE B 180 37.93 -26.12 1.82
C PHE B 180 38.90 -24.99 1.94
N PRO B 181 40.14 -25.28 2.37
CA PRO B 181 41.11 -24.19 2.32
C PRO B 181 41.39 -23.86 0.87
N VAL B 182 41.85 -22.66 0.58
CA VAL B 182 42.09 -22.35 -0.80
C VAL B 182 43.60 -22.47 -1.03
N PRO B 183 43.99 -23.30 -2.00
CA PRO B 183 45.39 -23.61 -2.25
C PRO B 183 46.04 -22.52 -3.08
N ILE B 184 45.71 -21.28 -2.73
CA ILE B 184 46.23 -20.09 -3.37
C ILE B 184 46.51 -19.10 -2.28
N GLU B 185 47.63 -18.39 -2.36
CA GLU B 185 47.94 -17.35 -1.38
C GLU B 185 46.95 -16.21 -1.51
N LEU B 186 46.28 -15.89 -0.41
CA LEU B 186 45.29 -14.81 -0.42
C LEU B 186 45.47 -13.89 0.79
N PRO B 187 45.30 -12.58 0.58
CA PRO B 187 45.37 -11.59 1.65
C PRO B 187 44.34 -11.82 2.75
N SER B 188 44.65 -11.40 3.95
CA SER B 188 43.61 -11.24 4.95
C SER B 188 42.90 -9.92 4.65
N ILE B 189 41.70 -9.76 5.18
CA ILE B 189 40.88 -8.60 4.87
C ILE B 189 40.49 -7.86 6.14
N GLU B 190 40.46 -6.54 6.07
CA GLU B 190 39.96 -5.78 7.20
C GLU B 190 38.63 -5.16 6.86
N VAL B 191 37.62 -5.45 7.66
CA VAL B 191 36.31 -4.87 7.44
C VAL B 191 36.10 -3.68 8.36
N LYS B 192 35.77 -2.57 7.74
CA LYS B 192 35.65 -1.31 8.45
C LYS B 192 34.29 -0.73 8.21
N GLN B 193 33.93 0.27 9.00
CA GLN B 193 32.87 1.17 8.59
C GLN B 193 33.51 2.48 8.19
N TYR B 194 32.92 3.12 7.20
CA TYR B 194 33.48 4.30 6.59
C TYR B 194 32.47 5.42 6.61
N TRP B 195 32.90 6.64 6.91
CA TRP B 195 32.01 7.77 6.81
C TRP B 195 32.77 9.04 6.48
N HIS B 196 32.05 10.00 5.92
CA HIS B 196 32.65 11.26 5.55
C HIS B 196 32.82 12.12 6.78
N GLU B 197 33.87 12.93 6.81
CA GLU B 197 34.15 13.74 7.98
C GLU B 197 33.09 14.83 8.13
N ARG B 198 32.49 15.22 7.02
CA ARG B 198 31.39 16.17 7.04
C ARG B 198 30.30 15.77 8.04
N TYR B 199 30.05 14.47 8.18
CA TYR B 199 29.00 14.01 9.07
C TYR B 199 29.57 13.34 10.28
N ASP B 200 30.85 13.60 10.57
CA ASP B 200 31.49 12.98 11.71
C ASP B 200 30.76 13.34 12.99
N LYS B 201 30.18 14.54 12.98
CA LYS B 201 29.59 15.12 14.18
C LYS B 201 28.07 15.09 14.15
N ASP B 202 27.49 14.56 13.08
CA ASP B 202 26.05 14.48 12.96
C ASP B 202 25.47 13.43 13.90
N PRO B 203 24.67 13.86 14.87
CA PRO B 203 24.07 13.03 15.92
C PRO B 203 23.49 11.72 15.41
N GLY B 204 22.83 11.80 14.27
CA GLY B 204 22.20 10.61 13.71
C GLY B 204 23.26 9.62 13.32
N ASN B 205 24.25 10.10 12.58
CA ASN B 205 25.35 9.28 12.14
C ASN B 205 26.08 8.70 13.32
N ILE B 206 26.41 9.56 14.27
CA ILE B 206 27.17 9.15 15.44
C ILE B 206 26.46 8.00 16.12
N TRP B 207 25.16 8.11 16.26
CA TRP B 207 24.39 7.07 16.91
C TRP B 207 24.53 5.74 16.21
N LEU B 208 24.40 5.76 14.89
CA LEU B 208 24.53 4.56 14.08
C LEU B 208 25.94 3.93 14.20
N ARG B 209 26.96 4.72 13.95
CA ARG B 209 28.34 4.26 14.06
C ARG B 209 28.59 3.55 15.38
N ARG B 210 27.93 3.99 16.44
CA ARG B 210 28.18 3.43 17.76
C ARG B 210 27.42 2.13 17.99
N VAL B 211 26.22 2.04 17.42
CA VAL B 211 25.46 0.79 17.47
C VAL B 211 26.24 -0.30 16.73
N ILE B 212 26.84 0.08 15.62
CA ILE B 212 27.62 -0.86 14.84
C ILE B 212 28.87 -1.33 15.56
N ALA B 213 29.64 -0.39 16.10
CA ALA B 213 30.88 -0.73 16.79
C ALA B 213 30.63 -1.63 18.00
N LYS B 214 29.34 -1.83 18.32
CA LYS B 214 28.93 -2.58 19.48
C LYS B 214 28.42 -3.94 19.08
N ILE B 215 28.44 -4.22 17.78
CA ILE B 215 28.01 -5.53 17.30
C ILE B 215 29.11 -6.55 17.53
N GLY B 216 28.71 -7.75 17.96
CA GLY B 216 29.67 -8.81 18.18
C GLY B 216 29.82 -9.74 16.99
N PHE B 217 30.64 -9.33 16.02
CA PHE B 217 30.88 -10.14 14.84
C PHE B 217 31.69 -11.37 15.19
N GLN B 218 31.10 -12.55 14.94
CA GLN B 218 31.60 -13.83 15.47
C GLN B 218 33.12 -14.00 15.39
N PHE C 6 -42.17 -8.92 -13.85
CA PHE C 6 -40.80 -8.83 -13.35
C PHE C 6 -40.07 -10.18 -13.35
N ASP C 7 -38.86 -10.17 -13.89
CA ASP C 7 -37.98 -11.33 -13.86
C ASP C 7 -36.56 -10.86 -13.53
N PRO C 8 -36.00 -11.34 -12.42
CA PRO C 8 -34.71 -10.86 -11.91
C PRO C 8 -33.57 -11.08 -12.88
N GLY C 9 -33.51 -12.26 -13.47
CA GLY C 9 -32.42 -12.61 -14.37
C GLY C 9 -32.40 -11.79 -15.65
N THR C 10 -33.44 -10.99 -15.88
CA THR C 10 -33.54 -10.23 -17.12
C THR C 10 -33.90 -8.78 -16.89
N SER C 11 -34.42 -8.48 -15.71
CA SER C 11 -34.85 -7.12 -15.43
C SER C 11 -33.69 -6.15 -15.43
N ASN C 12 -34.00 -4.90 -15.75
CA ASN C 12 -33.02 -3.83 -15.71
C ASN C 12 -33.51 -2.70 -14.83
N ARG C 13 -34.44 -3.03 -13.94
CA ARG C 13 -35.05 -2.05 -13.06
C ARG C 13 -34.04 -1.41 -12.10
N ASN C 14 -34.15 -0.11 -11.87
CA ASN C 14 -33.36 0.52 -10.84
C ASN C 14 -34.19 0.77 -9.59
N PHE C 15 -33.94 -0.03 -8.56
CA PHE C 15 -34.61 0.13 -7.28
C PHE C 15 -33.97 1.21 -6.44
N ARG C 16 -34.79 2.01 -5.77
CA ARG C 16 -34.25 3.05 -4.90
C ARG C 16 -34.59 2.76 -3.44
N ILE C 17 -33.58 2.85 -2.58
CA ILE C 17 -33.76 2.54 -1.17
C ILE C 17 -33.40 3.75 -0.35
N ALA C 18 -34.35 4.27 0.41
CA ALA C 18 -34.09 5.41 1.28
C ALA C 18 -33.51 4.94 2.58
N ALA C 19 -32.35 5.49 2.95
CA ALA C 19 -31.76 5.17 4.23
C ALA C 19 -30.77 6.24 4.61
N SER C 20 -30.32 6.19 5.86
CA SER C 20 -29.21 7.01 6.30
C SER C 20 -27.98 6.57 5.53
N ASP C 21 -26.87 7.27 5.67
CA ASP C 21 -25.68 6.84 4.96
C ASP C 21 -25.18 5.53 5.60
N PHE C 22 -25.38 5.38 6.89
CA PHE C 22 -25.00 4.14 7.53
C PHE C 22 -25.82 2.98 6.98
N GLY C 23 -27.13 3.15 6.90
CA GLY C 23 -27.98 2.14 6.34
C GLY C 23 -27.65 1.77 4.92
N GLN C 24 -27.28 2.75 4.11
CA GLN C 24 -26.91 2.45 2.74
C GLN C 24 -25.66 1.62 2.67
N ALA C 25 -24.70 1.97 3.52
CA ALA C 25 -23.40 1.32 3.59
C ALA C 25 -23.54 -0.10 4.15
N LEU C 26 -24.58 -0.32 4.92
CA LEU C 26 -24.83 -1.64 5.50
C LEU C 26 -25.57 -2.55 4.52
N MET C 27 -26.55 -1.96 3.84
CA MET C 27 -27.44 -2.70 2.98
C MET C 27 -26.84 -3.07 1.63
N LEU C 28 -26.43 -2.07 0.86
CA LEU C 28 -26.03 -2.31 -0.55
C LEU C 28 -25.00 -3.41 -0.71
N PRO C 29 -23.93 -3.40 0.10
CA PRO C 29 -22.96 -4.45 -0.13
C PRO C 29 -23.51 -5.85 0.14
N ARG C 30 -24.57 -5.94 0.95
CA ARG C 30 -25.08 -7.26 1.26
C ARG C 30 -26.04 -7.70 0.18
N LEU C 31 -26.31 -6.81 -0.76
CA LEU C 31 -27.13 -7.14 -1.92
C LEU C 31 -26.29 -7.63 -3.09
N TYR C 32 -25.00 -7.31 -3.07
CA TYR C 32 -24.14 -7.53 -4.22
C TYR C 32 -24.19 -8.92 -4.83
N ALA C 33 -24.05 -9.95 -3.99
CA ALA C 33 -24.00 -11.34 -4.45
C ALA C 33 -25.28 -11.76 -5.13
N THR C 34 -26.40 -11.41 -4.52
CA THR C 34 -27.68 -11.69 -5.10
C THR C 34 -27.77 -11.06 -6.48
N LEU C 35 -27.38 -9.81 -6.60
CA LEU C 35 -27.39 -9.13 -7.88
C LEU C 35 -26.49 -9.80 -8.90
N GLU C 36 -25.31 -10.18 -8.47
CA GLU C 36 -24.40 -10.80 -9.40
C GLU C 36 -25.00 -12.09 -9.95
N GLU C 37 -25.48 -12.92 -9.03
CA GLU C 37 -25.86 -14.28 -9.34
C GLU C 37 -27.28 -14.45 -9.89
N THR C 38 -28.15 -13.48 -9.68
CA THR C 38 -29.55 -13.70 -10.05
C THR C 38 -30.19 -12.51 -10.76
N ALA C 39 -29.61 -11.33 -10.62
CA ALA C 39 -30.18 -10.14 -11.26
C ALA C 39 -29.08 -9.22 -11.75
N PRO C 40 -28.36 -9.66 -12.79
CA PRO C 40 -27.09 -9.01 -13.16
C PRO C 40 -27.27 -7.63 -13.75
N GLN C 41 -28.49 -7.27 -14.14
CA GLN C 41 -28.70 -5.98 -14.79
C GLN C 41 -29.59 -5.11 -13.95
N VAL C 42 -29.93 -5.61 -12.78
CA VAL C 42 -30.69 -4.82 -11.84
C VAL C 42 -29.72 -3.89 -11.13
N ARG C 43 -30.13 -2.63 -11.00
CA ARG C 43 -29.34 -1.62 -10.37
C ARG C 43 -29.99 -1.23 -9.03
N VAL C 44 -29.17 -0.89 -8.03
CA VAL C 44 -29.72 -0.45 -6.76
C VAL C 44 -29.19 0.91 -6.38
N THR C 45 -30.09 1.81 -6.01
CA THR C 45 -29.69 3.16 -5.71
C THR C 45 -30.02 3.55 -4.26
N GLY C 46 -29.00 3.94 -3.51
CA GLY C 46 -29.21 4.42 -2.16
C GLY C 46 -29.55 5.88 -2.16
N VAL C 47 -30.60 6.27 -1.44
CA VAL C 47 -31.08 7.64 -1.43
C VAL C 47 -31.08 8.24 -0.03
N ASN C 48 -30.52 9.43 0.12
CA ASN C 48 -30.45 10.02 1.45
C ASN C 48 -31.84 10.39 1.95
N LEU C 49 -31.93 10.69 3.24
CA LEU C 49 -33.21 11.03 3.86
C LEU C 49 -33.54 12.48 3.56
N ARG C 50 -34.72 12.70 3.00
CA ARG C 50 -35.15 14.04 2.64
C ARG C 50 -35.80 14.71 3.85
N HIS C 51 -36.17 15.98 3.70
CA HIS C 51 -36.88 16.67 4.77
C HIS C 51 -38.38 16.43 4.68
N GLY C 52 -38.92 16.52 3.46
CA GLY C 52 -40.33 16.31 3.24
C GLY C 52 -40.79 14.96 3.75
N PRO C 53 -42.09 14.82 4.09
CA PRO C 53 -42.63 13.56 4.61
C PRO C 53 -42.27 12.38 3.72
N LEU C 54 -41.82 11.32 4.37
CA LEU C 54 -41.27 10.17 3.66
C LEU C 54 -42.37 9.28 3.08
N VAL C 55 -43.55 9.28 3.72
CA VAL C 55 -44.66 8.45 3.28
C VAL C 55 -45.09 8.74 1.83
N GLU C 56 -45.00 10.01 1.43
CA GLU C 56 -45.38 10.37 0.09
C GLU C 56 -44.42 9.79 -0.93
N GLU C 57 -43.15 9.79 -0.55
CA GLU C 57 -42.12 9.20 -1.39
C GLU C 57 -42.42 7.74 -1.66
N LEU C 58 -42.89 7.06 -0.63
CA LEU C 58 -43.22 5.67 -0.76
C LEU C 58 -44.48 5.48 -1.61
N GLU C 59 -45.47 6.34 -1.38
CA GLU C 59 -46.72 6.34 -2.14
C GLU C 59 -46.47 6.61 -3.61
N SER C 60 -45.63 7.61 -3.88
CA SER C 60 -45.33 8.01 -5.23
C SER C 60 -44.63 6.96 -6.07
N GLY C 61 -43.87 6.09 -5.42
CA GLY C 61 -43.07 5.10 -6.12
C GLY C 61 -41.68 5.66 -6.39
N SER C 62 -41.47 6.89 -5.95
CA SER C 62 -40.17 7.54 -6.13
C SER C 62 -39.09 6.83 -5.32
N ILE C 63 -39.51 6.26 -4.19
CA ILE C 63 -38.65 5.38 -3.41
C ILE C 63 -39.38 4.04 -3.29
N ASP C 64 -38.66 2.93 -3.38
CA ASP C 64 -39.30 1.62 -3.35
C ASP C 64 -39.33 1.04 -1.95
N ILE C 65 -38.22 1.14 -1.23
CA ILE C 65 -38.15 0.69 0.15
C ILE C 65 -37.46 1.74 0.99
N ALA C 66 -37.97 2.01 2.19
CA ALA C 66 -37.18 2.73 3.18
C ALA C 66 -36.59 1.72 4.16
N PHE C 67 -35.43 2.03 4.70
CA PHE C 67 -34.68 1.08 5.51
C PHE C 67 -34.07 1.81 6.69
N GLY C 68 -34.40 1.42 7.91
CA GLY C 68 -33.93 2.15 9.07
C GLY C 68 -34.94 2.12 10.20
N GLY C 69 -34.94 3.16 11.04
CA GLY C 69 -35.94 3.26 12.08
C GLY C 69 -36.72 4.55 11.97
N PHE C 70 -37.96 4.44 11.52
CA PHE C 70 -38.79 5.63 11.31
C PHE C 70 -40.10 5.52 12.05
N PRO C 71 -40.20 6.20 13.19
CA PRO C 71 -41.42 6.09 14.00
C PRO C 71 -42.64 6.69 13.29
N THR C 72 -42.46 7.81 12.59
CA THR C 72 -43.56 8.58 11.97
C THR C 72 -44.47 7.80 11.01
N LEU C 73 -43.90 6.83 10.31
CA LEU C 73 -44.67 6.09 9.34
C LEU C 73 -45.71 5.19 10.01
N SER C 74 -46.85 5.04 9.35
CA SER C 74 -47.95 4.25 9.89
C SER C 74 -48.99 4.08 8.79
N ALA C 75 -49.75 5.13 8.56
CA ALA C 75 -50.86 5.06 7.63
C ALA C 75 -50.41 4.72 6.22
N GLY C 76 -50.80 3.54 5.74
CA GLY C 76 -50.55 3.15 4.38
C GLY C 76 -49.23 2.42 4.25
N ILE C 77 -48.48 2.39 5.35
CA ILE C 77 -47.15 1.84 5.34
C ILE C 77 -47.19 0.47 5.94
N LYS C 78 -46.59 -0.50 5.27
CA LYS C 78 -46.41 -1.82 5.85
C LYS C 78 -44.96 -1.98 6.29
N THR C 79 -44.68 -2.86 7.25
CA THR C 79 -43.31 -3.04 7.71
C THR C 79 -42.91 -4.47 8.01
N GLN C 80 -41.60 -4.69 8.01
CA GLN C 80 -41.00 -5.92 8.52
C GLN C 80 -39.80 -5.58 9.39
N THR C 81 -39.77 -6.05 10.62
CA THR C 81 -38.68 -5.72 11.52
C THR C 81 -37.54 -6.71 11.34
N LEU C 82 -36.35 -6.19 11.06
CA LEU C 82 -35.25 -7.04 10.63
C LEU C 82 -34.28 -7.37 11.74
N PHE C 83 -33.93 -6.37 12.53
CA PHE C 83 -33.02 -6.62 13.64
C PHE C 83 -33.05 -5.47 14.62
N ARG C 84 -32.47 -5.71 15.79
CA ARG C 84 -32.31 -4.69 16.82
C ARG C 84 -30.90 -4.14 16.84
N GLU C 85 -30.78 -2.85 17.13
CA GLU C 85 -29.47 -2.23 17.21
C GLU C 85 -29.32 -1.52 18.53
N GLU C 86 -28.10 -1.51 19.04
CA GLU C 86 -27.79 -0.89 20.31
C GLU C 86 -26.74 0.16 20.08
N TYR C 87 -26.63 1.11 20.99
CA TYR C 87 -25.66 2.19 20.84
C TYR C 87 -24.42 1.97 21.67
N VAL C 88 -23.29 2.49 21.17
CA VAL C 88 -22.04 2.50 21.89
C VAL C 88 -21.34 3.84 21.70
N CYS C 89 -20.14 3.95 22.25
CA CYS C 89 -19.30 5.14 22.13
C CYS C 89 -17.99 4.79 21.48
N VAL C 90 -17.40 5.73 20.77
CA VAL C 90 -16.07 5.50 20.23
C VAL C 90 -15.19 6.71 20.42
N MET C 91 -13.90 6.47 20.54
CA MET C 91 -12.88 7.49 20.57
C MET C 91 -11.64 6.87 19.93
N ARG C 92 -10.64 7.67 19.61
CA ARG C 92 -9.43 7.10 19.06
C ARG C 92 -8.46 6.79 20.16
N GLN C 93 -7.48 5.95 19.86
CA GLN C 93 -6.44 5.55 20.79
C GLN C 93 -5.75 6.72 21.47
N SER C 94 -5.45 7.76 20.69
CA SER C 94 -4.67 8.88 21.21
C SER C 94 -5.52 9.83 22.04
N HIS C 95 -6.74 9.41 22.35
CA HIS C 95 -7.59 10.17 23.23
C HIS C 95 -7.22 9.90 24.70
N PRO C 96 -7.01 10.97 25.47
CA PRO C 96 -6.65 10.92 26.91
C PRO C 96 -7.61 10.07 27.75
N ALA C 97 -8.91 10.34 27.62
CA ALA C 97 -9.93 9.66 28.42
C ALA C 97 -9.86 8.15 28.32
N LEU C 98 -9.11 7.64 27.35
CA LEU C 98 -9.05 6.20 27.12
C LEU C 98 -8.46 5.50 28.33
N THR C 99 -7.62 6.21 29.06
CA THR C 99 -6.90 5.63 30.17
C THR C 99 -7.84 5.22 31.31
N HIS C 100 -8.37 6.21 32.04
CA HIS C 100 -9.09 5.89 33.26
C HIS C 100 -10.59 5.67 33.07
N GLY C 101 -11.00 5.31 31.87
CA GLY C 101 -12.37 4.92 31.66
C GLY C 101 -13.23 6.08 31.21
N LEU C 102 -14.49 5.79 30.93
CA LEU C 102 -15.41 6.77 30.40
C LEU C 102 -16.65 6.89 31.29
N ASP C 103 -16.44 7.27 32.54
CA ASP C 103 -17.56 7.52 33.43
C ASP C 103 -18.35 8.69 32.91
N LEU C 104 -19.55 8.86 33.43
CA LEU C 104 -20.48 9.87 32.95
C LEU C 104 -19.92 11.28 33.06
N GLU C 105 -19.11 11.51 34.09
CA GLU C 105 -18.60 12.85 34.33
C GLU C 105 -17.47 13.18 33.35
N ALA C 106 -16.58 12.21 33.16
CA ALA C 106 -15.56 12.28 32.13
C ALA C 106 -16.21 12.49 30.76
N PHE C 107 -17.20 11.66 30.46
CA PHE C 107 -18.01 11.78 29.26
C PHE C 107 -18.48 13.21 28.99
N ARG C 108 -19.05 13.84 30.01
CA ARG C 108 -19.60 15.18 29.87
C ARG C 108 -18.54 16.21 29.52
N GLN C 109 -17.33 15.99 30.03
CA GLN C 109 -16.29 16.98 29.89
C GLN C 109 -15.52 16.80 28.62
N CYS C 110 -15.82 15.76 27.86
CA CYS C 110 -15.17 15.55 26.58
C CYS C 110 -15.84 16.38 25.51
N ARG C 111 -15.18 16.50 24.37
CA ARG C 111 -15.81 17.13 23.22
C ARG C 111 -16.56 16.08 22.42
N HIS C 112 -17.70 16.48 21.87
CA HIS C 112 -18.58 15.53 21.22
C HIS C 112 -18.88 15.91 19.82
N ILE C 113 -19.09 14.91 18.98
CA ILE C 113 -19.74 15.14 17.71
C ILE C 113 -21.06 14.39 17.76
N ILE C 114 -22.14 15.11 17.44
CA ILE C 114 -23.47 14.58 17.43
C ILE C 114 -23.94 14.36 16.02
N VAL C 115 -24.46 13.18 15.73
CA VAL C 115 -25.20 12.99 14.48
C VAL C 115 -26.62 13.47 14.69
N THR C 116 -27.10 14.34 13.81
CA THR C 116 -28.43 14.88 14.00
C THR C 116 -29.41 14.20 13.05
N ALA C 117 -30.68 14.14 13.41
CA ALA C 117 -31.64 13.34 12.66
C ALA C 117 -33.09 13.73 12.84
N HIS C 118 -33.39 14.67 13.73
CA HIS C 118 -34.77 15.02 14.04
C HIS C 118 -35.50 15.57 12.81
N GLU C 119 -34.78 16.29 11.97
CA GLU C 119 -35.33 16.83 10.73
C GLU C 119 -35.55 15.74 9.69
N PHE C 120 -35.15 14.53 10.03
CA PHE C 120 -35.33 13.40 9.12
C PHE C 120 -36.31 12.41 9.72
N ASN C 121 -36.77 12.71 10.93
CA ASN C 121 -37.71 11.83 11.64
C ASN C 121 -37.15 10.42 11.75
N HIS C 122 -35.83 10.33 11.74
CA HIS C 122 -35.12 9.09 11.93
C HIS C 122 -35.10 8.79 13.41
N VAL C 123 -35.11 7.52 13.76
CA VAL C 123 -35.21 7.10 15.16
C VAL C 123 -34.07 7.61 16.05
N HIS C 124 -32.91 7.88 15.44
CA HIS C 124 -31.73 8.36 16.16
C HIS C 124 -32.04 9.65 16.94
N GLU C 125 -33.09 10.35 16.53
CA GLU C 125 -33.53 11.61 17.14
C GLU C 125 -33.69 11.50 18.64
N GLN C 126 -34.01 10.30 19.13
CA GLN C 126 -34.27 10.17 20.54
C GLN C 126 -32.98 9.94 21.29
N VAL C 127 -32.04 9.24 20.67
CA VAL C 127 -30.70 9.19 21.23
C VAL C 127 -30.10 10.58 21.22
N GLU C 128 -30.32 11.32 20.15
CA GLU C 128 -29.83 12.68 20.02
C GLU C 128 -30.37 13.54 21.14
N ALA C 129 -31.68 13.51 21.34
CA ALA C 129 -32.31 14.27 22.42
C ALA C 129 -31.70 13.94 23.78
N ARG C 130 -31.57 12.65 24.07
CA ARG C 130 -30.91 12.18 25.27
C ARG C 130 -29.51 12.75 25.51
N LEU C 131 -28.67 12.74 24.48
CA LEU C 131 -27.33 13.30 24.62
C LEU C 131 -27.40 14.80 24.87
N LEU C 132 -28.32 15.45 24.18
CA LEU C 132 -28.38 16.91 24.25
C LEU C 132 -28.79 17.38 25.63
N GLU C 133 -29.59 16.60 26.35
CA GLU C 133 -30.01 17.04 27.67
C GLU C 133 -28.94 16.75 28.73
N LEU C 134 -28.11 15.73 28.51
CA LEU C 134 -27.06 15.40 29.46
C LEU C 134 -25.79 16.20 29.27
N LEU C 135 -25.52 16.63 28.05
CA LEU C 135 -24.27 17.27 27.77
C LEU C 135 -24.42 18.76 27.87
N PRO C 136 -23.44 19.42 28.48
CA PRO C 136 -23.39 20.88 28.41
C PRO C 136 -23.29 21.29 26.96
N PRO C 137 -23.99 22.34 26.57
CA PRO C 137 -24.06 22.71 25.15
C PRO C 137 -22.70 23.04 24.57
N GLU C 138 -21.74 23.30 25.46
CA GLU C 138 -20.39 23.66 25.02
C GLU C 138 -19.48 22.42 24.88
N SER C 139 -20.01 21.24 25.17
CA SER C 139 -19.33 19.98 24.91
C SER C 139 -19.56 19.56 23.47
N ILE C 140 -20.50 20.20 22.81
CA ILE C 140 -20.83 19.81 21.45
C ILE C 140 -19.97 20.62 20.53
N ARG C 141 -18.92 20.00 20.01
CA ARG C 141 -18.03 20.69 19.10
C ARG C 141 -18.54 20.70 17.66
N PHE C 142 -18.96 19.54 17.14
CA PHE C 142 -19.42 19.41 15.76
C PHE C 142 -20.81 18.79 15.69
N THR C 143 -21.43 18.91 14.52
CA THR C 143 -22.69 18.23 14.26
C THR C 143 -22.77 17.92 12.77
N THR C 144 -23.26 16.73 12.45
CA THR C 144 -23.45 16.34 11.06
C THR C 144 -24.69 15.46 10.93
N GLU C 145 -25.22 15.32 9.72
CA GLU C 145 -26.33 14.43 9.44
C GLU C 145 -25.83 13.04 9.06
N ASN C 146 -24.54 12.94 8.76
CA ASN C 146 -23.96 11.68 8.31
C ASN C 146 -23.19 10.90 9.37
N PHE C 147 -23.61 9.67 9.58
CA PHE C 147 -22.87 8.78 10.47
C PHE C 147 -21.43 8.56 10.04
N LEU C 148 -21.18 8.41 8.75
CA LEU C 148 -19.85 8.06 8.27
C LEU C 148 -18.91 9.26 8.35
N VAL C 149 -19.46 10.45 8.14
CA VAL C 149 -18.67 11.64 8.26
C VAL C 149 -18.21 11.75 9.70
N SER C 150 -19.10 11.48 10.63
CA SER C 150 -18.79 11.68 12.03
C SER C 150 -17.79 10.64 12.47
N ALA C 151 -17.84 9.45 11.88
CA ALA C 151 -16.89 8.43 12.28
C ALA C 151 -15.47 8.79 11.82
N VAL C 152 -15.37 9.32 10.62
CA VAL C 152 -14.12 9.81 10.09
C VAL C 152 -13.55 10.89 11.00
N ILE C 153 -14.40 11.78 11.44
CA ILE C 153 -13.95 12.90 12.25
C ILE C 153 -13.52 12.44 13.64
N ALA C 154 -14.13 11.38 14.14
CA ALA C 154 -13.75 10.85 15.43
C ALA C 154 -12.43 10.13 15.33
N GLU C 155 -12.13 9.59 14.16
CA GLU C 155 -10.89 8.86 14.01
C GLU C 155 -9.70 9.83 13.95
N GLU C 156 -9.98 11.09 13.68
CA GLU C 156 -8.91 12.05 13.44
C GLU C 156 -8.76 13.16 14.45
N THR C 157 -9.78 13.36 15.26
CA THR C 157 -9.74 14.36 16.32
C THR C 157 -10.15 13.70 17.63
N ASP C 158 -10.03 14.44 18.72
CA ASP C 158 -10.37 13.91 20.04
C ASP C 158 -11.84 14.13 20.42
N VAL C 159 -12.76 13.75 19.55
CA VAL C 159 -14.18 13.90 19.89
C VAL C 159 -14.83 12.54 20.16
N ILE C 160 -15.83 12.56 21.04
CA ILE C 160 -16.61 11.38 21.38
C ILE C 160 -17.82 11.25 20.48
N LEU C 161 -18.05 10.03 20.00
CA LEU C 161 -19.12 9.78 19.07
C LEU C 161 -19.96 8.63 19.57
N THR C 162 -21.26 8.85 19.61
CA THR C 162 -22.21 7.88 20.09
C THR C 162 -23.00 7.36 18.91
N ILE C 163 -22.85 6.07 18.60
CA ILE C 163 -23.37 5.53 17.35
C ILE C 163 -23.84 4.10 17.47
N PRO C 164 -24.60 3.61 16.47
CA PRO C 164 -24.94 2.19 16.34
C PRO C 164 -23.72 1.28 16.42
N SER C 165 -23.80 0.21 17.18
CA SER C 165 -22.65 -0.64 17.36
C SER C 165 -22.14 -1.29 16.06
N ARG C 166 -22.99 -1.51 15.08
CA ARG C 166 -22.56 -2.21 13.86
C ARG C 166 -21.68 -1.32 13.00
N LEU C 167 -21.99 -0.03 12.98
CA LEU C 167 -21.12 0.96 12.38
C LEU C 167 -19.78 0.99 13.12
N ALA C 168 -19.87 1.13 14.43
CA ALA C 168 -18.70 1.21 15.27
C ALA C 168 -17.77 0.02 15.06
N ARG C 169 -18.33 -1.18 15.11
CA ARG C 169 -17.52 -2.38 15.00
C ARG C 169 -16.82 -2.39 13.66
N TRP C 170 -17.52 -1.96 12.63
CA TRP C 170 -16.93 -1.87 11.30
C TRP C 170 -15.66 -1.03 11.32
N PHE C 171 -15.75 0.19 11.81
CA PHE C 171 -14.61 1.10 11.87
C PHE C 171 -13.48 0.66 12.77
N ALA C 172 -13.80 0.05 13.88
CA ALA C 172 -12.78 -0.34 14.83
C ALA C 172 -11.81 -1.36 14.24
N ASN C 173 -12.33 -2.22 13.38
CA ASN C 173 -11.55 -3.27 12.75
C ASN C 173 -10.57 -2.73 11.71
N ARG C 174 -10.87 -1.54 11.19
CA ARG C 174 -10.14 -0.97 10.05
C ARG C 174 -9.12 0.10 10.45
N GLY C 175 -9.49 0.93 11.42
CA GLY C 175 -8.65 2.03 11.83
C GLY C 175 -8.36 1.95 13.31
N GLY C 176 -8.32 3.10 13.95
CA GLY C 176 -7.89 3.20 15.33
C GLY C 176 -8.94 3.80 16.23
N LEU C 177 -10.17 3.32 16.10
CA LEU C 177 -11.22 3.67 17.05
C LEU C 177 -11.40 2.57 18.08
N THR C 178 -11.67 2.98 19.32
CA THR C 178 -11.99 2.05 20.41
C THR C 178 -13.43 2.23 20.88
N ILE C 179 -14.10 1.11 21.16
CA ILE C 179 -15.48 1.12 21.63
C ILE C 179 -15.64 1.09 23.15
N PHE C 180 -16.53 1.94 23.65
CA PHE C 180 -16.90 2.00 25.07
C PHE C 180 -18.40 1.91 25.19
N PRO C 181 -18.90 1.40 26.33
CA PRO C 181 -20.34 1.49 26.58
C PRO C 181 -20.73 2.93 26.80
N VAL C 182 -21.88 3.34 26.29
CA VAL C 182 -22.36 4.67 26.61
C VAL C 182 -22.73 4.66 28.10
N PRO C 183 -22.24 5.63 28.89
CA PRO C 183 -22.63 5.65 30.29
C PRO C 183 -23.94 6.39 30.44
N ILE C 184 -24.95 5.94 29.69
CA ILE C 184 -26.24 6.58 29.62
C ILE C 184 -27.23 5.45 29.41
N GLU C 185 -28.46 5.59 29.92
CA GLU C 185 -29.45 4.57 29.64
C GLU C 185 -30.13 4.87 28.31
N LEU C 186 -29.85 4.07 27.29
CA LEU C 186 -30.42 4.32 25.98
C LEU C 186 -31.20 3.12 25.50
N PRO C 187 -32.34 3.35 24.84
CA PRO C 187 -33.16 2.23 24.39
C PRO C 187 -32.53 1.49 23.21
N SER C 188 -32.92 0.23 23.02
CA SER C 188 -32.65 -0.48 21.79
C SER C 188 -33.35 0.21 20.66
N ILE C 189 -32.99 -0.17 19.44
CA ILE C 189 -33.62 0.40 18.26
C ILE C 189 -34.07 -0.72 17.37
N GLU C 190 -35.22 -0.58 16.74
CA GLU C 190 -35.70 -1.56 15.79
C GLU C 190 -35.44 -1.06 14.39
N VAL C 191 -34.79 -1.89 13.59
CA VAL C 191 -34.51 -1.54 12.21
C VAL C 191 -35.47 -2.35 11.35
N LYS C 192 -36.17 -1.66 10.48
CA LYS C 192 -37.17 -2.29 9.64
C LYS C 192 -36.95 -1.88 8.20
N GLN C 193 -37.55 -2.62 7.27
CA GLN C 193 -37.73 -2.14 5.91
C GLN C 193 -39.17 -1.73 5.78
N TYR C 194 -39.40 -0.60 5.13
CA TYR C 194 -40.74 -0.04 5.03
C TYR C 194 -41.17 0.04 3.59
N TRP C 195 -42.42 -0.28 3.33
CA TRP C 195 -42.96 -0.03 2.00
C TRP C 195 -44.43 0.35 2.06
N HIS C 196 -44.91 0.92 0.97
CA HIS C 196 -46.30 1.37 0.93
C HIS C 196 -47.23 0.24 0.54
N GLU C 197 -48.42 0.22 1.14
CA GLU C 197 -49.44 -0.79 0.87
C GLU C 197 -49.74 -0.83 -0.62
N ARG C 198 -49.58 0.31 -1.26
CA ARG C 198 -49.85 0.43 -2.68
C ARG C 198 -48.99 -0.51 -3.50
N TYR C 199 -47.81 -0.86 -3.01
CA TYR C 199 -46.89 -1.67 -3.81
C TYR C 199 -46.68 -3.01 -3.15
N ASP C 200 -47.55 -3.29 -2.19
CA ASP C 200 -47.50 -4.55 -1.45
C ASP C 200 -47.58 -5.77 -2.36
N LYS C 201 -48.11 -5.57 -3.58
CA LYS C 201 -48.30 -6.67 -4.52
C LYS C 201 -47.45 -6.53 -5.78
N ASP C 202 -46.65 -5.48 -5.86
CA ASP C 202 -45.74 -5.29 -6.98
C ASP C 202 -44.71 -6.40 -7.05
N PRO C 203 -44.74 -7.19 -8.13
CA PRO C 203 -43.87 -8.37 -8.22
C PRO C 203 -42.40 -8.03 -8.04
N GLY C 204 -41.97 -6.87 -8.53
CA GLY C 204 -40.60 -6.42 -8.35
C GLY C 204 -40.29 -6.04 -6.91
N ASN C 205 -41.14 -5.21 -6.34
CA ASN C 205 -41.00 -4.82 -4.95
C ASN C 205 -41.03 -6.03 -4.01
N ILE C 206 -41.87 -7.01 -4.34
CA ILE C 206 -41.98 -8.21 -3.54
C ILE C 206 -40.65 -8.95 -3.54
N TRP C 207 -40.00 -8.97 -4.68
CA TRP C 207 -38.73 -9.66 -4.84
C TRP C 207 -37.62 -9.02 -4.02
N LEU C 208 -37.53 -7.69 -4.05
CA LEU C 208 -36.48 -7.00 -3.33
C LEU C 208 -36.68 -7.15 -1.83
N ARG C 209 -37.92 -7.06 -1.36
CA ARG C 209 -38.20 -7.18 0.07
C ARG C 209 -37.80 -8.54 0.60
N ARG C 210 -37.88 -9.56 -0.25
CA ARG C 210 -37.58 -10.91 0.19
C ARG C 210 -36.09 -11.11 0.23
N VAL C 211 -35.42 -10.47 -0.71
CA VAL C 211 -33.98 -10.55 -0.81
C VAL C 211 -33.39 -9.94 0.45
N ILE C 212 -33.95 -8.81 0.84
CA ILE C 212 -33.54 -8.13 2.06
C ILE C 212 -33.80 -9.00 3.28
N ALA C 213 -34.97 -9.61 3.31
CA ALA C 213 -35.32 -10.51 4.38
C ALA C 213 -34.33 -11.68 4.52
N LYS C 214 -33.71 -12.12 3.43
CA LYS C 214 -32.75 -13.22 3.49
C LYS C 214 -31.37 -12.80 3.96
N ILE C 215 -31.12 -11.50 4.08
CA ILE C 215 -29.81 -10.96 4.44
C ILE C 215 -29.41 -11.18 5.89
N GLY C 216 -28.20 -11.68 6.11
CA GLY C 216 -27.64 -11.71 7.45
C GLY C 216 -26.91 -10.41 7.71
N PHE C 217 -27.52 -9.54 8.50
CA PHE C 217 -26.95 -8.23 8.79
C PHE C 217 -25.94 -8.28 9.90
N GLN C 218 -25.76 -9.47 10.49
CA GLN C 218 -24.87 -9.64 11.61
C GLN C 218 -23.57 -10.25 11.10
N ASN C 219 -23.56 -10.58 9.82
CA ASN C 219 -22.41 -11.16 9.14
C ASN C 219 -21.90 -10.21 8.07
N PRO C 220 -20.67 -10.43 7.57
CA PRO C 220 -20.19 -9.64 6.42
C PRO C 220 -20.90 -10.04 5.13
N PRO C 221 -20.77 -9.26 4.05
CA PRO C 221 -21.42 -9.64 2.78
C PRO C 221 -20.85 -10.93 2.20
N ALA C 222 -21.68 -11.68 1.48
CA ALA C 222 -21.24 -12.92 0.89
C ALA C 222 -20.41 -12.67 -0.38
N PHE D 6 -18.51 40.15 17.30
CA PHE D 6 -18.10 38.76 17.43
C PHE D 6 -16.70 38.59 17.99
N ASP D 7 -16.54 37.70 18.96
CA ASP D 7 -15.24 37.44 19.55
C ASP D 7 -15.05 35.95 19.79
N PRO D 8 -14.09 35.35 19.07
CA PRO D 8 -13.79 33.92 19.05
C PRO D 8 -13.69 33.32 20.43
N GLY D 9 -12.98 34.00 21.32
CA GLY D 9 -12.64 33.39 22.59
C GLY D 9 -13.82 33.22 23.52
N THR D 10 -14.92 33.89 23.22
CA THR D 10 -16.09 33.89 24.09
C THR D 10 -17.39 33.57 23.38
N SER D 11 -17.33 33.50 22.06
CA SER D 11 -18.53 33.25 21.27
C SER D 11 -19.08 31.84 21.49
N ASN D 12 -20.38 31.69 21.25
CA ASN D 12 -21.03 30.40 21.29
C ASN D 12 -21.77 30.17 20.00
N ARG D 13 -21.36 30.88 18.95
CA ARG D 13 -22.03 30.83 17.67
C ARG D 13 -21.88 29.46 17.03
N ASN D 14 -22.91 29.07 16.30
CA ASN D 14 -22.96 27.81 15.59
C ASN D 14 -22.88 28.10 14.11
N PHE D 15 -21.71 27.86 13.53
CA PHE D 15 -21.52 28.12 12.09
C PHE D 15 -21.97 26.93 11.28
N ARG D 16 -22.67 27.19 10.18
CA ARG D 16 -23.16 26.12 9.32
C ARG D 16 -22.43 26.11 8.00
N ILE D 17 -21.85 24.98 7.66
CA ILE D 17 -21.12 24.86 6.41
C ILE D 17 -21.75 23.80 5.53
N ALA D 18 -22.12 24.21 4.32
CA ALA D 18 -22.69 23.31 3.36
C ALA D 18 -21.58 22.63 2.57
N ALA D 19 -21.57 21.31 2.53
CA ALA D 19 -20.54 20.61 1.81
C ALA D 19 -21.02 19.21 1.50
N SER D 20 -20.38 18.54 0.55
CA SER D 20 -20.66 17.13 0.32
C SER D 20 -20.25 16.37 1.57
N ASP D 21 -20.63 15.11 1.69
CA ASP D 21 -20.21 14.34 2.84
C ASP D 21 -18.68 14.28 2.87
N PHE D 22 -18.06 14.23 1.70
CA PHE D 22 -16.62 14.24 1.62
C PHE D 22 -16.04 15.60 2.02
N GLY D 23 -16.59 16.68 1.46
CA GLY D 23 -16.20 18.00 1.89
C GLY D 23 -16.22 18.16 3.40
N GLN D 24 -17.30 17.70 4.04
CA GLN D 24 -17.44 17.80 5.50
C GLN D 24 -16.37 17.01 6.25
N ALA D 25 -16.05 15.81 5.76
CA ALA D 25 -15.11 14.95 6.46
C ALA D 25 -13.71 15.46 6.26
N LEU D 26 -13.49 16.15 5.16
CA LEU D 26 -12.22 16.84 4.91
C LEU D 26 -12.06 18.06 5.82
N MET D 27 -13.12 18.83 5.95
CA MET D 27 -13.03 20.15 6.55
C MET D 27 -13.12 20.19 8.08
N LEU D 28 -14.16 19.59 8.66
CA LEU D 28 -14.34 19.68 10.10
C LEU D 28 -13.15 19.23 10.95
N PRO D 29 -12.49 18.11 10.59
CA PRO D 29 -11.39 17.70 11.47
C PRO D 29 -10.27 18.70 11.50
N ARG D 30 -10.14 19.47 10.44
CA ARG D 30 -9.06 20.44 10.37
C ARG D 30 -9.37 21.76 11.07
N LEU D 31 -10.60 21.92 11.54
CA LEU D 31 -10.97 23.08 12.34
C LEU D 31 -10.83 22.83 13.82
N TYR D 32 -10.68 21.56 14.19
CA TYR D 32 -10.71 21.17 15.59
C TYR D 32 -9.73 21.95 16.46
N ALA D 33 -8.45 21.93 16.09
CA ALA D 33 -7.42 22.53 16.93
C ALA D 33 -7.65 24.01 17.10
N THR D 34 -7.93 24.68 15.99
CA THR D 34 -8.30 26.09 16.04
C THR D 34 -9.41 26.31 17.06
N LEU D 35 -10.45 25.49 16.99
CA LEU D 35 -11.57 25.59 17.92
C LEU D 35 -11.17 25.34 19.37
N GLU D 36 -10.36 24.33 19.61
CA GLU D 36 -9.89 24.04 20.96
C GLU D 36 -9.12 25.20 21.55
N GLU D 37 -8.06 25.56 20.84
CA GLU D 37 -7.09 26.55 21.29
C GLU D 37 -7.64 27.97 21.39
N THR D 38 -8.61 28.32 20.54
CA THR D 38 -8.99 29.73 20.41
C THR D 38 -10.48 30.07 20.34
N ALA D 39 -11.34 29.06 20.23
CA ALA D 39 -12.79 29.30 20.15
C ALA D 39 -13.54 28.18 20.84
N PRO D 40 -13.33 28.03 22.14
CA PRO D 40 -13.71 26.83 22.89
C PRO D 40 -15.20 26.52 22.85
N GLN D 41 -16.02 27.53 22.64
CA GLN D 41 -17.45 27.34 22.68
C GLN D 41 -18.09 27.52 21.31
N VAL D 42 -17.28 27.80 20.30
CA VAL D 42 -17.83 27.91 18.97
C VAL D 42 -18.08 26.49 18.44
N ARG D 43 -19.19 26.33 17.75
CA ARG D 43 -19.62 25.05 17.26
C ARG D 43 -19.71 25.11 15.73
N VAL D 44 -19.36 24.02 15.07
CA VAL D 44 -19.44 23.96 13.62
C VAL D 44 -20.29 22.78 13.17
N THR D 45 -21.17 23.05 12.22
CA THR D 45 -22.14 22.05 11.80
C THR D 45 -22.00 21.81 10.32
N GLY D 46 -21.92 20.54 9.94
CA GLY D 46 -21.88 20.18 8.53
C GLY D 46 -23.28 20.01 7.99
N VAL D 47 -23.56 20.63 6.84
CA VAL D 47 -24.87 20.50 6.23
C VAL D 47 -24.81 19.92 4.84
N ASN D 48 -25.52 18.83 4.62
CA ASN D 48 -25.63 18.24 3.30
C ASN D 48 -26.19 19.17 2.27
N LEU D 49 -25.88 18.90 1.02
CA LEU D 49 -26.40 19.71 -0.06
C LEU D 49 -27.83 19.28 -0.31
N ARG D 50 -28.64 20.22 -0.76
CA ARG D 50 -30.04 19.94 -1.04
C ARG D 50 -30.34 20.21 -2.51
N HIS D 51 -31.62 20.15 -2.87
CA HIS D 51 -32.04 20.46 -4.23
C HIS D 51 -32.36 21.93 -4.41
N GLY D 52 -32.43 22.67 -3.30
CA GLY D 52 -32.74 24.08 -3.34
C GLY D 52 -31.66 24.94 -3.98
N PRO D 53 -32.02 26.17 -4.35
CA PRO D 53 -31.02 27.15 -4.78
C PRO D 53 -30.12 27.48 -3.60
N LEU D 54 -28.86 27.12 -3.73
CA LEU D 54 -27.92 27.27 -2.63
C LEU D 54 -27.70 28.74 -2.33
N VAL D 55 -27.91 29.58 -3.33
CA VAL D 55 -27.69 31.02 -3.19
C VAL D 55 -28.60 31.63 -2.14
N GLU D 56 -29.79 31.04 -2.00
CA GLU D 56 -30.76 31.57 -1.07
C GLU D 56 -30.39 31.22 0.36
N GLU D 57 -29.81 30.03 0.55
CA GLU D 57 -29.44 29.63 1.89
C GLU D 57 -28.34 30.54 2.37
N LEU D 58 -27.37 30.78 1.49
CA LEU D 58 -26.28 31.69 1.77
C LEU D 58 -26.79 33.10 2.08
N GLU D 59 -27.64 33.61 1.20
CA GLU D 59 -28.21 34.94 1.35
C GLU D 59 -29.07 35.06 2.61
N SER D 60 -29.94 34.07 2.81
CA SER D 60 -30.82 34.07 3.97
C SER D 60 -30.00 33.91 5.24
N GLY D 61 -28.80 33.35 5.13
CA GLY D 61 -27.92 33.24 6.27
C GLY D 61 -28.11 31.93 7.01
N SER D 62 -28.84 31.00 6.40
CA SER D 62 -29.06 29.72 7.04
C SER D 62 -27.83 28.84 6.87
N ILE D 63 -26.99 29.21 5.90
CA ILE D 63 -25.68 28.61 5.73
C ILE D 63 -24.65 29.75 5.76
N ASP D 64 -23.55 29.57 6.48
CA ASP D 64 -22.57 30.62 6.61
C ASP D 64 -21.56 30.57 5.48
N ILE D 65 -21.19 29.37 5.07
CA ILE D 65 -20.20 29.17 4.03
C ILE D 65 -20.49 27.89 3.28
N ALA D 66 -20.29 27.88 1.96
CA ALA D 66 -20.34 26.65 1.19
C ALA D 66 -18.91 26.24 0.79
N PHE D 67 -18.65 24.94 0.76
CA PHE D 67 -17.32 24.43 0.52
C PHE D 67 -17.37 23.33 -0.50
N GLY D 68 -16.68 23.53 -1.62
CA GLY D 68 -16.64 22.53 -2.68
C GLY D 68 -16.55 23.20 -4.03
N GLY D 69 -17.04 22.52 -5.06
CA GLY D 69 -17.08 23.07 -6.39
C GLY D 69 -18.50 23.31 -6.84
N PHE D 70 -18.86 24.58 -6.96
CA PHE D 70 -20.23 24.92 -7.32
C PHE D 70 -20.24 25.91 -8.48
N PRO D 71 -20.31 25.36 -9.70
CA PRO D 71 -20.51 26.13 -10.92
C PRO D 71 -21.59 27.19 -10.74
N THR D 72 -22.85 26.74 -10.55
CA THR D 72 -24.00 27.61 -10.33
C THR D 72 -23.68 28.88 -9.56
N LEU D 73 -23.14 28.73 -8.36
CA LEU D 73 -22.88 29.86 -7.46
C LEU D 73 -22.09 30.98 -8.13
N SER D 74 -22.77 32.09 -8.38
CA SER D 74 -22.19 33.14 -9.18
C SER D 74 -22.67 34.50 -8.72
N ALA D 75 -23.87 34.89 -9.14
CA ALA D 75 -24.36 36.22 -8.83
C ALA D 75 -24.59 36.35 -7.34
N GLY D 76 -23.89 37.31 -6.71
CA GLY D 76 -24.09 37.60 -5.30
C GLY D 76 -23.08 36.90 -4.41
N ILE D 77 -22.29 36.00 -5.00
CA ILE D 77 -21.39 35.17 -4.22
C ILE D 77 -19.94 35.62 -4.34
N LYS D 78 -19.28 35.80 -3.20
CA LYS D 78 -17.84 36.00 -3.18
C LYS D 78 -17.12 34.68 -2.85
N THR D 79 -15.93 34.47 -3.43
CA THR D 79 -15.24 33.19 -3.29
C THR D 79 -13.75 33.26 -3.02
N GLN D 80 -13.20 32.10 -2.69
CA GLN D 80 -11.77 31.95 -2.52
C GLN D 80 -11.43 30.53 -2.93
N THR D 81 -10.49 30.38 -3.87
CA THR D 81 -10.14 29.07 -4.37
C THR D 81 -9.07 28.45 -3.52
N LEU D 82 -9.39 27.29 -2.95
CA LEU D 82 -8.52 26.71 -1.95
C LEU D 82 -7.55 25.69 -2.52
N PHE D 83 -8.00 24.82 -3.41
CA PHE D 83 -7.10 23.88 -4.05
C PHE D 83 -7.73 23.23 -5.27
N ARG D 84 -6.93 22.49 -6.03
CA ARG D 84 -7.46 21.73 -7.15
C ARG D 84 -7.51 20.26 -6.80
N GLU D 85 -8.38 19.53 -7.48
CA GLU D 85 -8.47 18.11 -7.24
C GLU D 85 -8.59 17.34 -8.51
N GLU D 86 -8.07 16.13 -8.48
CA GLU D 86 -8.20 15.23 -9.60
C GLU D 86 -8.86 13.92 -9.19
N TYR D 87 -9.31 13.19 -10.18
CA TYR D 87 -9.97 11.94 -9.96
C TYR D 87 -9.03 10.76 -10.16
N VAL D 88 -9.16 9.75 -9.32
CA VAL D 88 -8.47 8.50 -9.52
C VAL D 88 -9.53 7.40 -9.48
N CYS D 89 -9.14 6.16 -9.68
CA CYS D 89 -10.07 5.05 -9.49
C CYS D 89 -9.62 4.24 -8.30
N VAL D 90 -10.55 3.51 -7.68
CA VAL D 90 -10.18 2.63 -6.60
C VAL D 90 -10.91 1.31 -6.74
N MET D 91 -10.28 0.25 -6.25
CA MET D 91 -10.89 -1.06 -6.09
C MET D 91 -10.32 -1.67 -4.83
N ARG D 92 -11.01 -2.62 -4.23
CA ARG D 92 -10.51 -3.20 -3.00
C ARG D 92 -9.28 -4.08 -3.23
N GLN D 93 -8.50 -4.28 -2.17
CA GLN D 93 -7.23 -4.97 -2.28
C GLN D 93 -7.31 -6.42 -2.77
N SER D 94 -8.51 -6.98 -2.83
CA SER D 94 -8.62 -8.39 -3.20
C SER D 94 -9.45 -8.53 -4.45
N HIS D 95 -9.66 -7.41 -5.13
CA HIS D 95 -10.38 -7.40 -6.38
C HIS D 95 -9.67 -8.27 -7.42
N PRO D 96 -10.41 -9.15 -8.12
CA PRO D 96 -9.72 -10.12 -8.97
C PRO D 96 -9.13 -9.52 -10.23
N ALA D 97 -9.56 -8.32 -10.61
CA ALA D 97 -8.97 -7.65 -11.76
C ALA D 97 -7.50 -7.31 -11.53
N LEU D 98 -7.06 -7.32 -10.28
CA LEU D 98 -5.71 -6.89 -9.95
C LEU D 98 -4.66 -7.87 -10.45
N THR D 99 -5.08 -9.11 -10.67
CA THR D 99 -4.18 -10.17 -11.05
C THR D 99 -3.60 -9.92 -12.43
N HIS D 100 -4.44 -9.51 -13.38
CA HIS D 100 -3.94 -9.29 -14.72
C HIS D 100 -4.14 -7.86 -15.19
N GLY D 101 -4.65 -7.01 -14.33
CA GLY D 101 -4.78 -5.60 -14.63
C GLY D 101 -5.97 -5.36 -15.53
N LEU D 102 -6.20 -4.09 -15.87
CA LEU D 102 -7.34 -3.75 -16.70
C LEU D 102 -6.96 -2.87 -17.88
N ASP D 103 -7.30 -3.30 -19.09
CA ASP D 103 -7.28 -2.44 -20.26
C ASP D 103 -8.61 -1.71 -20.30
N LEU D 104 -8.80 -0.82 -21.27
CA LEU D 104 -9.96 0.06 -21.24
C LEU D 104 -11.28 -0.68 -21.37
N GLU D 105 -11.32 -1.75 -22.15
CA GLU D 105 -12.59 -2.43 -22.37
C GLU D 105 -12.95 -3.36 -21.22
N ALA D 106 -11.95 -3.89 -20.53
CA ALA D 106 -12.22 -4.72 -19.37
C ALA D 106 -12.71 -3.82 -18.23
N PHE D 107 -12.17 -2.62 -18.18
CA PHE D 107 -12.63 -1.60 -17.27
C PHE D 107 -14.13 -1.42 -17.42
N ARG D 108 -14.58 -1.27 -18.65
CA ARG D 108 -15.99 -0.98 -18.90
C ARG D 108 -16.84 -2.21 -18.62
N GLN D 109 -16.21 -3.38 -18.63
CA GLN D 109 -16.89 -4.65 -18.40
C GLN D 109 -16.89 -5.05 -16.95
N CYS D 110 -16.29 -4.22 -16.11
CA CYS D 110 -16.32 -4.45 -14.68
C CYS D 110 -17.59 -3.87 -14.07
N ARG D 111 -17.82 -4.13 -12.80
CA ARG D 111 -18.97 -3.55 -12.10
C ARG D 111 -18.60 -2.21 -11.46
N HIS D 112 -19.44 -1.20 -11.64
CA HIS D 112 -19.11 0.13 -11.16
C HIS D 112 -20.14 0.65 -10.18
N ILE D 113 -19.69 1.48 -9.24
CA ILE D 113 -20.58 2.24 -8.40
C ILE D 113 -20.31 3.68 -8.72
N ILE D 114 -21.38 4.45 -8.86
CA ILE D 114 -21.32 5.85 -9.28
C ILE D 114 -21.81 6.77 -8.19
N VAL D 115 -21.07 7.84 -7.90
CA VAL D 115 -21.64 8.85 -7.03
C VAL D 115 -22.38 9.83 -7.90
N THR D 116 -23.61 10.14 -7.53
CA THR D 116 -24.39 11.04 -8.35
C THR D 116 -24.42 12.41 -7.70
N ALA D 117 -24.50 13.48 -8.49
CA ALA D 117 -24.40 14.80 -7.90
C ALA D 117 -25.25 15.89 -8.55
N HIS D 118 -25.80 15.64 -9.74
CA HIS D 118 -26.39 16.74 -10.53
C HIS D 118 -27.62 17.37 -9.87
N GLU D 119 -28.20 16.66 -8.91
CA GLU D 119 -29.31 17.19 -8.12
C GLU D 119 -28.82 18.32 -7.23
N PHE D 120 -27.51 18.46 -7.12
CA PHE D 120 -26.94 19.44 -6.22
C PHE D 120 -26.05 20.47 -6.88
N ASN D 121 -26.01 20.47 -8.21
CA ASN D 121 -25.29 21.51 -8.95
C ASN D 121 -23.84 21.61 -8.49
N HIS D 122 -23.28 20.43 -8.31
CA HIS D 122 -21.95 20.18 -7.81
C HIS D 122 -21.12 19.77 -9.01
N VAL D 123 -19.89 20.25 -9.11
CA VAL D 123 -19.08 20.04 -10.31
C VAL D 123 -18.89 18.54 -10.65
N HIS D 124 -19.20 17.67 -9.69
CA HIS D 124 -19.11 16.24 -9.93
C HIS D 124 -20.07 15.72 -11.02
N GLU D 125 -21.09 16.51 -11.37
CA GLU D 125 -21.98 16.18 -12.50
C GLU D 125 -21.19 15.76 -13.73
N GLN D 126 -20.19 16.58 -14.06
CA GLN D 126 -19.38 16.40 -15.24
C GLN D 126 -18.73 15.02 -15.29
N VAL D 127 -18.06 14.66 -14.21
CA VAL D 127 -17.46 13.34 -14.11
C VAL D 127 -18.54 12.29 -14.19
N GLU D 128 -19.61 12.49 -13.43
CA GLU D 128 -20.76 11.59 -13.43
C GLU D 128 -21.26 11.43 -14.86
N ALA D 129 -21.34 12.54 -15.58
CA ALA D 129 -21.80 12.55 -16.96
C ALA D 129 -20.87 11.73 -17.84
N ARG D 130 -19.58 11.95 -17.72
CA ARG D 130 -18.62 11.25 -18.55
C ARG D 130 -18.74 9.75 -18.35
N LEU D 131 -18.82 9.35 -17.10
CA LEU D 131 -18.86 7.93 -16.75
C LEU D 131 -20.09 7.23 -17.32
N LEU D 132 -21.22 7.93 -17.33
CA LEU D 132 -22.42 7.39 -17.93
C LEU D 132 -22.23 7.22 -19.43
N GLU D 133 -21.62 8.22 -20.07
CA GLU D 133 -21.34 8.14 -21.48
C GLU D 133 -20.43 6.95 -21.75
N LEU D 134 -19.35 6.86 -21.00
CA LEU D 134 -18.34 5.83 -21.20
C LEU D 134 -18.81 4.39 -20.91
N LEU D 135 -19.63 4.21 -19.89
CA LEU D 135 -19.92 2.88 -19.37
C LEU D 135 -21.22 2.26 -19.85
N PRO D 136 -21.15 0.99 -20.25
CA PRO D 136 -22.35 0.22 -20.56
C PRO D 136 -23.28 0.28 -19.38
N PRO D 137 -24.56 0.58 -19.62
CA PRO D 137 -25.45 0.86 -18.50
C PRO D 137 -25.61 -0.32 -17.55
N GLU D 138 -25.31 -1.53 -18.01
CA GLU D 138 -25.48 -2.70 -17.18
C GLU D 138 -24.24 -2.98 -16.34
N SER D 139 -23.20 -2.19 -16.54
CA SER D 139 -21.99 -2.34 -15.73
C SER D 139 -22.06 -1.47 -14.49
N ILE D 140 -23.06 -0.59 -14.47
CA ILE D 140 -23.32 0.26 -13.34
C ILE D 140 -24.22 -0.43 -12.33
N ARG D 141 -23.62 -1.01 -11.31
CA ARG D 141 -24.38 -1.82 -10.38
C ARG D 141 -25.09 -0.99 -9.31
N PHE D 142 -24.37 -0.04 -8.73
CA PHE D 142 -24.89 0.77 -7.63
C PHE D 142 -24.82 2.26 -7.91
N THR D 143 -25.54 3.03 -7.12
CA THR D 143 -25.51 4.46 -7.20
C THR D 143 -25.80 5.02 -5.82
N THR D 144 -25.22 6.17 -5.50
CA THR D 144 -25.44 6.79 -4.22
C THR D 144 -25.04 8.24 -4.32
N GLU D 145 -25.38 9.04 -3.34
CA GLU D 145 -25.04 10.45 -3.42
C GLU D 145 -23.90 10.79 -2.49
N ASN D 146 -23.61 9.89 -1.54
CA ASN D 146 -22.50 10.11 -0.60
C ASN D 146 -21.22 9.42 -1.03
N PHE D 147 -20.16 10.20 -1.14
CA PHE D 147 -18.87 9.66 -1.50
C PHE D 147 -18.42 8.61 -0.51
N LEU D 148 -18.68 8.86 0.77
CA LEU D 148 -18.16 7.98 1.80
C LEU D 148 -18.89 6.66 1.74
N VAL D 149 -20.18 6.69 1.42
CA VAL D 149 -20.93 5.46 1.29
C VAL D 149 -20.30 4.60 0.19
N SER D 150 -20.01 5.23 -0.94
CA SER D 150 -19.39 4.58 -2.07
C SER D 150 -18.13 3.83 -1.73
N ALA D 151 -17.29 4.49 -0.96
CA ALA D 151 -15.98 3.98 -0.70
C ALA D 151 -16.07 2.74 0.16
N VAL D 152 -16.90 2.76 1.19
CA VAL D 152 -17.02 1.57 2.01
C VAL D 152 -17.69 0.44 1.22
N ILE D 153 -18.59 0.78 0.30
CA ILE D 153 -19.14 -0.23 -0.57
C ILE D 153 -18.05 -0.87 -1.46
N ALA D 154 -17.16 -0.05 -2.01
CA ALA D 154 -16.06 -0.56 -2.82
C ALA D 154 -15.10 -1.43 -2.00
N GLU D 155 -14.99 -1.17 -0.70
CA GLU D 155 -14.12 -1.97 0.14
C GLU D 155 -14.69 -3.35 0.38
N GLU D 156 -16.01 -3.46 0.30
CA GLU D 156 -16.72 -4.69 0.66
C GLU D 156 -17.16 -5.55 -0.52
N THR D 157 -17.13 -5.00 -1.72
CA THR D 157 -17.54 -5.73 -2.92
C THR D 157 -16.59 -5.48 -4.09
N ASP D 158 -16.81 -6.16 -5.20
CA ASP D 158 -15.91 -6.01 -6.35
C ASP D 158 -16.35 -4.94 -7.31
N VAL D 159 -16.74 -3.78 -6.80
CA VAL D 159 -17.09 -2.68 -7.67
C VAL D 159 -15.91 -1.72 -7.83
N ILE D 160 -15.88 -1.05 -8.98
CA ILE D 160 -14.89 -0.01 -9.24
C ILE D 160 -15.50 1.36 -9.00
N LEU D 161 -14.79 2.17 -8.23
CA LEU D 161 -15.27 3.49 -7.87
C LEU D 161 -14.33 4.59 -8.35
N THR D 162 -14.90 5.68 -8.86
CA THR D 162 -14.13 6.80 -9.33
C THR D 162 -14.35 8.05 -8.46
N ILE D 163 -13.30 8.52 -7.80
CA ILE D 163 -13.46 9.57 -6.79
C ILE D 163 -12.32 10.57 -6.75
N PRO D 164 -12.52 11.70 -6.06
CA PRO D 164 -11.39 12.59 -5.81
C PRO D 164 -10.23 11.90 -5.06
N SER D 165 -8.99 12.15 -5.48
CA SER D 165 -7.83 11.48 -4.91
C SER D 165 -7.65 11.64 -3.40
N ARG D 166 -7.98 12.81 -2.89
CA ARG D 166 -7.85 13.08 -1.45
C ARG D 166 -8.69 12.10 -0.64
N LEU D 167 -9.86 11.78 -1.17
CA LEU D 167 -10.75 10.81 -0.58
C LEU D 167 -10.16 9.42 -0.73
N ALA D 168 -9.71 9.11 -1.94
CA ALA D 168 -9.09 7.83 -2.17
C ALA D 168 -7.87 7.59 -1.25
N ARG D 169 -7.03 8.61 -1.06
CA ARG D 169 -5.83 8.44 -0.25
C ARG D 169 -6.14 8.16 1.20
N TRP D 170 -7.13 8.86 1.75
CA TRP D 170 -7.59 8.62 3.11
C TRP D 170 -7.95 7.14 3.33
N PHE D 171 -8.63 6.55 2.36
CA PHE D 171 -8.98 5.13 2.46
C PHE D 171 -7.81 4.20 2.20
N ALA D 172 -6.99 4.56 1.22
CA ALA D 172 -5.81 3.76 0.91
C ALA D 172 -4.81 3.73 2.09
N ASN D 173 -4.72 4.83 2.83
CA ASN D 173 -3.86 4.87 4.01
C ASN D 173 -4.39 3.99 5.15
N ARG D 174 -5.61 3.51 5.01
CA ARG D 174 -6.12 2.54 5.95
C ARG D 174 -5.96 1.13 5.40
N GLY D 175 -5.69 1.02 4.10
CA GLY D 175 -5.27 -0.23 3.52
C GLY D 175 -6.36 -1.13 3.03
N GLY D 176 -7.53 -0.60 2.78
CA GLY D 176 -8.62 -1.41 2.27
C GLY D 176 -8.79 -1.25 0.77
N LEU D 177 -8.21 -0.18 0.22
CA LEU D 177 -8.41 0.16 -1.18
C LEU D 177 -7.09 0.45 -1.85
N THR D 178 -7.03 0.19 -3.15
CA THR D 178 -5.84 0.49 -3.92
C THR D 178 -6.17 1.44 -5.07
N ILE D 179 -5.31 2.43 -5.26
CA ILE D 179 -5.57 3.50 -6.20
C ILE D 179 -4.98 3.13 -7.57
N PHE D 180 -5.64 3.55 -8.63
CA PHE D 180 -5.11 3.43 -9.98
C PHE D 180 -5.74 4.51 -10.85
N PRO D 181 -5.06 4.92 -11.93
CA PRO D 181 -5.54 6.11 -12.63
C PRO D 181 -6.78 5.84 -13.46
N VAL D 182 -7.56 6.90 -13.65
CA VAL D 182 -8.74 6.83 -14.49
C VAL D 182 -8.32 6.62 -15.91
N PRO D 183 -8.79 5.55 -16.54
CA PRO D 183 -8.37 5.24 -17.90
C PRO D 183 -9.03 6.14 -18.95
N ILE D 184 -9.63 7.27 -18.56
CA ILE D 184 -10.08 8.28 -19.51
C ILE D 184 -9.83 9.68 -18.94
N GLU D 185 -9.96 10.69 -19.79
CA GLU D 185 -9.63 12.05 -19.42
C GLU D 185 -10.74 12.70 -18.62
N LEU D 186 -10.43 13.12 -17.40
CA LEU D 186 -11.42 13.82 -16.59
C LEU D 186 -10.89 15.16 -16.19
N PRO D 187 -11.76 16.17 -16.15
CA PRO D 187 -11.35 17.52 -15.76
C PRO D 187 -10.77 17.55 -14.35
N SER D 188 -9.96 18.54 -14.03
CA SER D 188 -9.57 18.77 -12.65
C SER D 188 -10.63 19.68 -12.04
N ILE D 189 -10.63 19.80 -10.72
CA ILE D 189 -11.72 20.50 -10.06
C ILE D 189 -11.20 21.59 -9.13
N GLU D 190 -11.74 22.80 -9.23
CA GLU D 190 -11.40 23.86 -8.28
C GLU D 190 -12.28 23.72 -7.06
N VAL D 191 -11.68 23.71 -5.87
CA VAL D 191 -12.46 23.61 -4.65
C VAL D 191 -12.37 24.93 -3.87
N LYS D 192 -13.52 25.55 -3.66
CA LYS D 192 -13.55 26.89 -3.13
C LYS D 192 -14.42 26.97 -1.89
N GLN D 193 -14.25 28.04 -1.12
CA GLN D 193 -15.25 28.41 -0.14
C GLN D 193 -16.01 29.60 -0.69
N TYR D 194 -17.32 29.59 -0.46
CA TYR D 194 -18.22 30.61 -0.97
C TYR D 194 -18.93 31.31 0.17
N TRP D 195 -19.11 32.62 0.06
CA TRP D 195 -19.99 33.34 0.97
C TRP D 195 -20.77 34.40 0.23
N HIS D 196 -21.75 34.97 0.91
CA HIS D 196 -22.64 35.90 0.27
C HIS D 196 -22.20 37.32 0.52
N GLU D 197 -22.37 38.17 -0.49
CA GLU D 197 -22.00 39.57 -0.37
C GLU D 197 -22.61 40.18 0.88
N ARG D 198 -23.82 39.75 1.20
CA ARG D 198 -24.51 40.28 2.35
C ARG D 198 -23.72 40.09 3.65
N TYR D 199 -22.90 39.05 3.73
CA TYR D 199 -22.20 38.79 4.99
C TYR D 199 -20.71 38.95 4.90
N ASP D 200 -20.24 39.55 3.81
CA ASP D 200 -18.83 39.72 3.56
C ASP D 200 -18.14 40.57 4.62
N LYS D 201 -18.86 41.48 5.24
CA LYS D 201 -18.26 42.30 6.27
C LYS D 201 -18.68 41.87 7.67
N ASP D 202 -19.42 40.76 7.78
CA ASP D 202 -19.76 40.23 9.09
C ASP D 202 -18.55 39.64 9.78
N PRO D 203 -18.24 40.15 10.97
CA PRO D 203 -17.08 39.75 11.77
C PRO D 203 -16.98 38.26 12.03
N GLY D 204 -18.11 37.57 12.20
CA GLY D 204 -18.10 36.13 12.42
C GLY D 204 -17.68 35.39 11.17
N ASN D 205 -18.36 35.70 10.07
CA ASN D 205 -18.08 35.08 8.78
C ASN D 205 -16.64 35.29 8.35
N ILE D 206 -16.13 36.50 8.53
CA ILE D 206 -14.76 36.80 8.17
C ILE D 206 -13.83 35.88 8.94
N TRP D 207 -14.02 35.82 10.26
CA TRP D 207 -13.20 34.97 11.10
C TRP D 207 -13.13 33.55 10.57
N LEU D 208 -14.29 32.96 10.35
CA LEU D 208 -14.37 31.57 9.96
C LEU D 208 -13.65 31.33 8.65
N ARG D 209 -13.91 32.19 7.67
CA ARG D 209 -13.33 31.95 6.37
C ARG D 209 -11.84 32.28 6.36
N ARG D 210 -11.37 33.06 7.32
CA ARG D 210 -9.93 33.26 7.44
C ARG D 210 -9.28 32.06 8.10
N VAL D 211 -9.98 31.49 9.07
CA VAL D 211 -9.50 30.27 9.69
C VAL D 211 -9.44 29.16 8.64
N ILE D 212 -10.42 29.11 7.75
CA ILE D 212 -10.43 28.09 6.72
C ILE D 212 -9.26 28.29 5.76
N ALA D 213 -8.90 29.55 5.54
CA ALA D 213 -7.83 29.84 4.61
C ALA D 213 -6.45 29.45 5.15
N LYS D 214 -6.34 29.28 6.45
CA LYS D 214 -5.05 28.91 7.04
C LYS D 214 -4.88 27.40 7.12
N ILE D 215 -5.84 26.65 6.58
CA ILE D 215 -5.81 25.19 6.66
C ILE D 215 -4.99 24.52 5.55
N GLY D 216 -4.23 23.50 5.91
CA GLY D 216 -3.60 22.65 4.91
C GLY D 216 -4.41 21.40 4.59
N PHE D 217 -4.96 21.34 3.39
CA PHE D 217 -5.82 20.23 3.00
C PHE D 217 -5.07 19.08 2.36
N GLN D 218 -3.75 19.20 2.21
CA GLN D 218 -2.95 18.06 1.77
C GLN D 218 -2.48 17.27 2.98
N ASN D 219 -2.45 17.92 4.14
CA ASN D 219 -1.90 17.35 5.39
C ASN D 219 -2.94 16.80 6.37
N PRO D 220 -2.53 15.90 7.27
CA PRO D 220 -3.49 15.47 8.30
C PRO D 220 -3.79 16.58 9.30
N PRO D 221 -4.99 16.55 9.90
CA PRO D 221 -5.43 17.53 10.89
C PRO D 221 -4.39 17.77 12.00
N ALA D 222 -4.39 18.97 12.58
CA ALA D 222 -3.46 19.28 13.67
C ALA D 222 -3.87 18.58 14.97
#